data_168D
# 
_entry.id   168D 
# 
_audit_conform.dict_name       mmcif_pdbx.dic 
_audit_conform.dict_version    5.385 
_audit_conform.dict_location   http://mmcif.pdb.org/dictionaries/ascii/mmcif_pdbx.dic 
# 
loop_
_database_2.database_id 
_database_2.database_code 
_database_2.pdbx_database_accession 
_database_2.pdbx_DOI 
PDB   168D         pdb_0000168d 10.2210/pdb168d/pdb 
RCSB  AHJS55       ?            ?                   
WWPDB D_1000170152 ?            ?                   
# 
loop_
_pdbx_audit_revision_history.ordinal 
_pdbx_audit_revision_history.data_content_type 
_pdbx_audit_revision_history.major_revision 
_pdbx_audit_revision_history.minor_revision 
_pdbx_audit_revision_history.revision_date 
1 'Structure model' 1 0 1994-08-31 
2 'Structure model' 1 1 2008-05-22 
3 'Structure model' 1 2 2011-07-13 
4 'Structure model' 1 3 2024-02-07 
# 
_pdbx_audit_revision_details.ordinal             1 
_pdbx_audit_revision_details.revision_ordinal    1 
_pdbx_audit_revision_details.data_content_type   'Structure model' 
_pdbx_audit_revision_details.provider            repository 
_pdbx_audit_revision_details.type                'Initial release' 
_pdbx_audit_revision_details.description         ? 
_pdbx_audit_revision_details.details             ? 
# 
loop_
_pdbx_audit_revision_group.ordinal 
_pdbx_audit_revision_group.revision_ordinal 
_pdbx_audit_revision_group.data_content_type 
_pdbx_audit_revision_group.group 
1 2 'Structure model' 'Version format compliance' 
2 3 'Structure model' 'Non-polymer description'   
3 3 'Structure model' 'Version format compliance' 
4 4 'Structure model' 'Data collection'           
5 4 'Structure model' 'Database references'       
6 4 'Structure model' 'Derived calculations'      
7 4 'Structure model' 'Structure summary'         
# 
loop_
_pdbx_audit_revision_category.ordinal 
_pdbx_audit_revision_category.revision_ordinal 
_pdbx_audit_revision_category.data_content_type 
_pdbx_audit_revision_category.category 
1 4 'Structure model' chem_comp_atom  
2 4 'Structure model' chem_comp_bond  
3 4 'Structure model' database_2      
4 4 'Structure model' struct_conn     
5 4 'Structure model' struct_keywords 
# 
loop_
_pdbx_audit_revision_item.ordinal 
_pdbx_audit_revision_item.revision_ordinal 
_pdbx_audit_revision_item.data_content_type 
_pdbx_audit_revision_item.item 
1 4 'Structure model' '_database_2.pdbx_DOI'                
2 4 'Structure model' '_database_2.pdbx_database_accession' 
3 4 'Structure model' '_struct_conn.pdbx_leaving_atom_flag' 
4 4 'Structure model' '_struct_keywords.text'               
# 
_pdbx_database_status.status_code                     REL 
_pdbx_database_status.entry_id                        168D 
_pdbx_database_status.recvd_initial_deposition_date   1994-04-08 
_pdbx_database_status.deposit_site                    BNL 
_pdbx_database_status.process_site                    NDB 
_pdbx_database_status.SG_entry                        . 
_pdbx_database_status.status_code_sf                  ? 
_pdbx_database_status.status_code_mr                  ? 
_pdbx_database_status.pdb_format_compatible           Y 
_pdbx_database_status.status_code_cs                  ? 
_pdbx_database_status.status_code_nmr_data            ? 
_pdbx_database_status.methods_development_category    ? 
# 
loop_
_audit_author.name 
_audit_author.pdbx_ordinal 
'Lubini, P.'   1 
'Zuercher, W.' 2 
'Egli, M.'     3 
# 
_citation.id                        primary 
_citation.title                     
;Stabilizing effects of the RNA 2'-substituent: crystal structure of an oligodeoxynucleotide duplex containing 2'-O-methylated adenosines.
;
_citation.journal_abbrev            Chem.Biol. 
_citation.journal_volume            1 
_citation.page_first                39 
_citation.page_last                 45 
_citation.year                      1994 
_citation.journal_id_ASTM           CBOLE2 
_citation.country                   UK 
_citation.journal_id_ISSN           1074-5521 
_citation.journal_id_CSD            2050 
_citation.book_publisher            ? 
_citation.pdbx_database_id_PubMed   9383369 
_citation.pdbx_database_id_DOI      '10.1016/1074-5521(94)90039-6' 
# 
loop_
_citation_author.citation_id 
_citation_author.name 
_citation_author.ordinal 
_citation_author.identifier_ORCID 
primary 'Lubini, P.'  1 ? 
primary 'Zurcher, W.' 2 ? 
primary 'Egli, M.'    3 ? 
# 
loop_
_entity.id 
_entity.type 
_entity.src_method 
_entity.pdbx_description 
_entity.formula_weight 
_entity.pdbx_number_of_molecules 
_entity.pdbx_ec 
_entity.pdbx_mutation 
_entity.pdbx_fragment 
_entity.details 
1 polymer syn 
;DNA/RNA (5'-D(*GP*CP*GP*TP*)-R(*(A2M)P*)-D(*TP*AP*CP*GP*C)-3')
;
3075.031 2  ? ? ? ? 
2 water   nat water                                                            18.015   53 ? ? ? ? 
# 
_entity_poly.entity_id                      1 
_entity_poly.type                           'polydeoxyribonucleotide/polyribonucleotide hybrid' 
_entity_poly.nstd_linkage                   no 
_entity_poly.nstd_monomer                   yes 
_entity_poly.pdbx_seq_one_letter_code       '(DG)(DC)(DG)(DT)(A2M)(DT)(DA)(DC)(DG)(DC)' 
_entity_poly.pdbx_seq_one_letter_code_can   GCGTATACGC 
_entity_poly.pdbx_strand_id                 A,B 
_entity_poly.pdbx_target_identifier         ? 
# 
_pdbx_entity_nonpoly.entity_id   2 
_pdbx_entity_nonpoly.name        water 
_pdbx_entity_nonpoly.comp_id     HOH 
# 
loop_
_entity_poly_seq.entity_id 
_entity_poly_seq.num 
_entity_poly_seq.mon_id 
_entity_poly_seq.hetero 
1 1  DG  n 
1 2  DC  n 
1 3  DG  n 
1 4  DT  n 
1 5  A2M n 
1 6  DT  n 
1 7  DA  n 
1 8  DC  n 
1 9  DG  n 
1 10 DC  n 
# 
loop_
_chem_comp.id 
_chem_comp.type 
_chem_comp.mon_nstd_flag 
_chem_comp.name 
_chem_comp.pdbx_synonyms 
_chem_comp.formula 
_chem_comp.formula_weight 
A2M 'RNA linking' n 
;2'-O-methyladenosine 5'-(dihydrogen phosphate)
;
? 'C11 H16 N5 O7 P' 361.248 
DA  'DNA linking' y "2'-DEOXYADENOSINE-5'-MONOPHOSPHATE"             ? 'C10 H14 N5 O6 P' 331.222 
DC  'DNA linking' y "2'-DEOXYCYTIDINE-5'-MONOPHOSPHATE"              ? 'C9 H14 N3 O7 P'  307.197 
DG  'DNA linking' y "2'-DEOXYGUANOSINE-5'-MONOPHOSPHATE"             ? 'C10 H14 N5 O7 P' 347.221 
DT  'DNA linking' y "THYMIDINE-5'-MONOPHOSPHATE"                     ? 'C10 H15 N2 O8 P' 322.208 
HOH non-polymer   . WATER                                            ? 'H2 O'            18.015  
# 
loop_
_pdbx_poly_seq_scheme.asym_id 
_pdbx_poly_seq_scheme.entity_id 
_pdbx_poly_seq_scheme.seq_id 
_pdbx_poly_seq_scheme.mon_id 
_pdbx_poly_seq_scheme.ndb_seq_num 
_pdbx_poly_seq_scheme.pdb_seq_num 
_pdbx_poly_seq_scheme.auth_seq_num 
_pdbx_poly_seq_scheme.pdb_mon_id 
_pdbx_poly_seq_scheme.auth_mon_id 
_pdbx_poly_seq_scheme.pdb_strand_id 
_pdbx_poly_seq_scheme.pdb_ins_code 
_pdbx_poly_seq_scheme.hetero 
A 1 1  DG  1  1  1  DG  G  A . n 
A 1 2  DC  2  2  2  DC  C  A . n 
A 1 3  DG  3  3  3  DG  G  A . n 
A 1 4  DT  4  4  4  DT  T  A . n 
A 1 5  A2M 5  5  5  A2M +A A . n 
A 1 6  DT  6  6  6  DT  T  A . n 
A 1 7  DA  7  7  7  DA  A  A . n 
A 1 8  DC  8  8  8  DC  C  A . n 
A 1 9  DG  9  9  9  DG  G  A . n 
A 1 10 DC  10 10 10 DC  C  A . n 
B 1 1  DG  1  11 11 DG  G  B . n 
B 1 2  DC  2  12 12 DC  C  B . n 
B 1 3  DG  3  13 13 DG  G  B . n 
B 1 4  DT  4  14 14 DT  T  B . n 
B 1 5  A2M 5  15 15 A2M +A B . n 
B 1 6  DT  6  16 16 DT  T  B . n 
B 1 7  DA  7  17 17 DA  A  B . n 
B 1 8  DC  8  18 18 DC  C  B . n 
B 1 9  DG  9  19 19 DG  G  B . n 
B 1 10 DC  10 20 20 DC  C  B . n 
# 
loop_
_pdbx_nonpoly_scheme.asym_id 
_pdbx_nonpoly_scheme.entity_id 
_pdbx_nonpoly_scheme.mon_id 
_pdbx_nonpoly_scheme.ndb_seq_num 
_pdbx_nonpoly_scheme.pdb_seq_num 
_pdbx_nonpoly_scheme.auth_seq_num 
_pdbx_nonpoly_scheme.pdb_mon_id 
_pdbx_nonpoly_scheme.auth_mon_id 
_pdbx_nonpoly_scheme.pdb_strand_id 
_pdbx_nonpoly_scheme.pdb_ins_code 
C 2 HOH 1  21 21 HOH HOH A . 
C 2 HOH 2  22 22 HOH HOH A . 
C 2 HOH 3  23 23 HOH HOH A . 
C 2 HOH 4  24 24 HOH HOH A . 
C 2 HOH 5  28 28 HOH HOH A . 
C 2 HOH 6  30 30 HOH HOH A . 
C 2 HOH 7  32 32 HOH HOH A . 
C 2 HOH 8  33 33 HOH HOH A . 
C 2 HOH 9  36 36 HOH HOH A . 
C 2 HOH 10 39 39 HOH HOH A . 
C 2 HOH 11 41 41 HOH HOH A . 
C 2 HOH 12 42 42 HOH HOH A . 
C 2 HOH 13 46 46 HOH HOH A . 
C 2 HOH 14 48 48 HOH HOH A . 
C 2 HOH 15 49 49 HOH HOH A . 
C 2 HOH 16 50 50 HOH HOH A . 
C 2 HOH 17 52 52 HOH HOH A . 
C 2 HOH 18 58 58 HOH HOH A . 
C 2 HOH 19 59 59 HOH HOH A . 
C 2 HOH 20 66 66 HOH HOH A . 
C 2 HOH 21 67 67 HOH HOH A . 
C 2 HOH 22 68 68 HOH HOH A . 
C 2 HOH 23 69 69 HOH HOH A . 
C 2 HOH 24 71 71 HOH HOH A . 
C 2 HOH 25 72 72 HOH HOH A . 
C 2 HOH 26 73 73 HOH HOH A . 
D 2 HOH 1  25 25 HOH HOH B . 
D 2 HOH 2  26 26 HOH HOH B . 
D 2 HOH 3  27 27 HOH HOH B . 
D 2 HOH 4  29 29 HOH HOH B . 
D 2 HOH 5  31 31 HOH HOH B . 
D 2 HOH 6  34 34 HOH HOH B . 
D 2 HOH 7  35 35 HOH HOH B . 
D 2 HOH 8  37 37 HOH HOH B . 
D 2 HOH 9  38 38 HOH HOH B . 
D 2 HOH 10 40 40 HOH HOH B . 
D 2 HOH 11 43 43 HOH HOH B . 
D 2 HOH 12 44 44 HOH HOH B . 
D 2 HOH 13 45 45 HOH HOH B . 
D 2 HOH 14 47 47 HOH HOH B . 
D 2 HOH 15 51 51 HOH HOH B . 
D 2 HOH 16 53 53 HOH HOH B . 
D 2 HOH 17 54 54 HOH HOH B . 
D 2 HOH 18 55 55 HOH HOH B . 
D 2 HOH 19 56 56 HOH HOH B . 
D 2 HOH 20 57 57 HOH HOH B . 
D 2 HOH 21 60 60 HOH HOH B . 
D 2 HOH 22 61 61 HOH HOH B . 
D 2 HOH 23 62 62 HOH HOH B . 
D 2 HOH 24 63 63 HOH HOH B . 
D 2 HOH 25 64 64 HOH HOH B . 
D 2 HOH 26 65 65 HOH HOH B . 
D 2 HOH 27 70 70 HOH HOH B . 
# 
loop_
_software.name 
_software.classification 
_software.version 
_software.citation_id 
_software.pdbx_ordinal 
PROLSQ   refinement '(MODIFIED BY G.J.QUIGLEY)' ? 1 
MODIFIED refinement 'BY G.J.QUIGLEY'            ? 2 
# 
_cell.entry_id           168D 
_cell.length_a           25.130 
_cell.length_b           45.649 
_cell.length_c           47.554 
_cell.angle_alpha        90.00 
_cell.angle_beta         90.00 
_cell.angle_gamma        90.00 
_cell.Z_PDB              8 
_cell.pdbx_unique_axis   ? 
_cell.length_a_esd       ? 
_cell.length_b_esd       ? 
_cell.length_c_esd       ? 
_cell.angle_alpha_esd    ? 
_cell.angle_beta_esd     ? 
_cell.angle_gamma_esd    ? 
# 
_symmetry.entry_id                         168D 
_symmetry.space_group_name_H-M             'P 21 21 21' 
_symmetry.pdbx_full_space_group_name_H-M   ? 
_symmetry.cell_setting                     ? 
_symmetry.Int_Tables_number                19 
_symmetry.space_group_name_Hall            ? 
# 
_exptl.entry_id          168D 
_exptl.method            'X-RAY DIFFRACTION' 
_exptl.crystals_number   ? 
# 
_exptl_crystal.id                    1 
_exptl_crystal.density_meas          ? 
_exptl_crystal.density_percent_sol   44.53 
_exptl_crystal.density_Matthews      2.22 
_exptl_crystal.description           ? 
_exptl_crystal.F_000                 ? 
_exptl_crystal.preparation           ? 
# 
_exptl_crystal_grow.crystal_id      1 
_exptl_crystal_grow.method          'VAPOR DIFFUSION, SITTING DROP' 
_exptl_crystal_grow.temp            ? 
_exptl_crystal_grow.temp_details    'ROOM TEMPERATURE' 
_exptl_crystal_grow.pH              6.50 
_exptl_crystal_grow.pdbx_details    'pH 6.50, VAPOR DIFFUSION, SITTING DROP' 
_exptl_crystal_grow.pdbx_pH_range   ? 
# 
loop_
_exptl_crystal_grow_comp.crystal_id 
_exptl_crystal_grow_comp.id 
_exptl_crystal_grow_comp.sol_id 
_exptl_crystal_grow_comp.name 
_exptl_crystal_grow_comp.volume 
_exptl_crystal_grow_comp.conc 
_exptl_crystal_grow_comp.details 
1 1 1 WATER           ? ? ? 
1 2 1 MPD             ? ? ? 
1 3 1 'NA CACODYLATE' ? ? ? 
1 4 1 MGCL2           ? ? ? 
1 5 1 SPERMINE_HCL    ? ? ? 
# 
_diffrn.id                     1 
_diffrn.ambient_temp           ? 
_diffrn.ambient_temp_details   'ROOM TEMPERATURE' 
_diffrn.crystal_id             1 
# 
_diffrn_detector.diffrn_id              1 
_diffrn_detector.detector               'AREA DETECTOR' 
_diffrn_detector.type                   SIEMENS-NICOLET 
_diffrn_detector.pdbx_collection_date   ? 
_diffrn_detector.details                ? 
# 
_diffrn_radiation.diffrn_id                        1 
_diffrn_radiation.wavelength_id                    1 
_diffrn_radiation.pdbx_monochromatic_or_laue_m_l   ? 
_diffrn_radiation.monochromator                    ? 
_diffrn_radiation.pdbx_diffrn_protocol             ? 
_diffrn_radiation.pdbx_scattering_type             x-ray 
# 
_diffrn_radiation_wavelength.id           1 
_diffrn_radiation_wavelength.wavelength   . 
_diffrn_radiation_wavelength.wt           1.0 
# 
_diffrn_source.diffrn_id                   1 
_diffrn_source.source                      'ROTATING ANODE' 
_diffrn_source.type                        'ELLIOTT GX-21' 
_diffrn_source.pdbx_synchrotron_site       ? 
_diffrn_source.pdbx_synchrotron_beamline   ? 
_diffrn_source.pdbx_wavelength             ? 
_diffrn_source.pdbx_wavelength_list        ? 
# 
_reflns.entry_id                     168D 
_reflns.observed_criterion_sigma_I   ? 
_reflns.observed_criterion_sigma_F   ? 
_reflns.d_resolution_low             ? 
_reflns.d_resolution_high            2.000 
_reflns.number_obs                   3576 
_reflns.number_all                   9702 
_reflns.percent_possible_obs         ? 
_reflns.pdbx_Rmerge_I_obs            ? 
_reflns.pdbx_Rsym_value              ? 
_reflns.pdbx_netI_over_sigmaI        ? 
_reflns.B_iso_Wilson_estimate        ? 
_reflns.pdbx_redundancy              ? 
_reflns.R_free_details               ? 
_reflns.pdbx_chi_squared             ? 
_reflns.pdbx_scaling_rejects         ? 
_reflns.pdbx_ordinal                 1 
_reflns.pdbx_diffrn_id               1 
# 
_refine.entry_id                                 168D 
_refine.ls_number_reflns_obs                     3188 
_refine.ls_number_reflns_all                     ? 
_refine.pdbx_ls_sigma_I                          ? 
_refine.pdbx_ls_sigma_F                          2.000 
_refine.pdbx_data_cutoff_high_absF               ? 
_refine.pdbx_data_cutoff_low_absF                ? 
_refine.pdbx_data_cutoff_high_rms_absF           ? 
_refine.ls_d_res_low                             10.000 
_refine.ls_d_res_high                            2.000 
_refine.ls_percent_reflns_obs                    ? 
_refine.ls_R_factor_obs                          0.193 
_refine.ls_R_factor_all                          ? 
_refine.ls_R_factor_R_work                       ? 
_refine.ls_R_factor_R_free                       ? 
_refine.ls_R_factor_R_free_error                 ? 
_refine.ls_R_factor_R_free_error_details         ? 
_refine.ls_percent_reflns_R_free                 ? 
_refine.ls_number_reflns_R_free                  ? 
_refine.ls_number_parameters                     ? 
_refine.ls_number_restraints                     ? 
_refine.occupancy_min                            ? 
_refine.occupancy_max                            ? 
_refine.B_iso_mean                               ? 
_refine.aniso_B[1][1]                            ? 
_refine.aniso_B[2][2]                            ? 
_refine.aniso_B[3][3]                            ? 
_refine.aniso_B[1][2]                            ? 
_refine.aniso_B[1][3]                            ? 
_refine.aniso_B[2][3]                            ? 
_refine.solvent_model_details                    ? 
_refine.solvent_model_param_ksol                 ? 
_refine.solvent_model_param_bsol                 ? 
_refine.pdbx_ls_cross_valid_method               ? 
_refine.details                                  ? 
_refine.pdbx_starting_model                      ? 
_refine.pdbx_method_to_determine_struct          ? 
_refine.pdbx_isotropic_thermal_model             ? 
_refine.pdbx_stereochemistry_target_values       ? 
_refine.pdbx_stereochem_target_val_spec_case     ? 
_refine.pdbx_R_Free_selection_details            ? 
_refine.pdbx_overall_ESU_R                       ? 
_refine.pdbx_overall_ESU_R_Free                  ? 
_refine.overall_SU_ML                            ? 
_refine.overall_SU_B                             ? 
_refine.pdbx_refine_id                           'X-RAY DIFFRACTION' 
_refine.ls_redundancy_reflns_obs                 ? 
_refine.pdbx_overall_phase_error                 ? 
_refine.correlation_coeff_Fo_to_Fc               ? 
_refine.correlation_coeff_Fo_to_Fc_free          ? 
_refine.pdbx_solvent_vdw_probe_radii             ? 
_refine.pdbx_solvent_ion_probe_radii             ? 
_refine.pdbx_solvent_shrinkage_radii             ? 
_refine.overall_SU_R_Cruickshank_DPI             ? 
_refine.overall_SU_R_free                        ? 
_refine.ls_wR_factor_R_free                      ? 
_refine.ls_wR_factor_R_work                      ? 
_refine.overall_FOM_free_R_set                   ? 
_refine.overall_FOM_work_R_set                   ? 
_refine.pdbx_diffrn_id                           1 
_refine.pdbx_TLS_residual_ADP_flag               ? 
_refine.pdbx_overall_SU_R_free_Cruickshank_DPI   ? 
_refine.pdbx_overall_SU_R_Blow_DPI               ? 
_refine.pdbx_overall_SU_R_free_Blow_DPI          ? 
# 
_refine_hist.pdbx_refine_id                   'X-RAY DIFFRACTION' 
_refine_hist.cycle_id                         LAST 
_refine_hist.pdbx_number_atoms_protein        0 
_refine_hist.pdbx_number_atoms_nucleic_acid   408 
_refine_hist.pdbx_number_atoms_ligand         0 
_refine_hist.number_atoms_solvent             53 
_refine_hist.number_atoms_total               461 
_refine_hist.d_res_high                       2.000 
_refine_hist.d_res_low                        10.000 
# 
loop_
_refine_ls_restr.type 
_refine_ls_restr.dev_ideal 
_refine_ls_restr.dev_ideal_target 
_refine_ls_restr.weight 
_refine_ls_restr.number 
_refine_ls_restr.pdbx_refine_id 
_refine_ls_restr.pdbx_restraint_function 
p_bond_d            ?     ? ? ? 'X-RAY DIFFRACTION' ? 
p_angle_d           ?     ? ? ? 'X-RAY DIFFRACTION' ? 
p_angle_deg         3.00  ? ? ? 'X-RAY DIFFRACTION' ? 
p_planar_d          ?     ? ? ? 'X-RAY DIFFRACTION' ? 
p_hb_or_metal_coord ?     ? ? ? 'X-RAY DIFFRACTION' ? 
p_mcbond_it         ?     ? ? ? 'X-RAY DIFFRACTION' ? 
p_mcangle_it        ?     ? ? ? 'X-RAY DIFFRACTION' ? 
p_scbond_it         ?     ? ? ? 'X-RAY DIFFRACTION' ? 
p_scangle_it        ?     ? ? ? 'X-RAY DIFFRACTION' ? 
p_plane_restr       0.100 ? ? ? 'X-RAY DIFFRACTION' ? 
p_chiral_restr      0.140 ? ? ? 'X-RAY DIFFRACTION' ? 
p_singtor_nbd       0.160 ? ? ? 'X-RAY DIFFRACTION' ? 
p_multtor_nbd       0.120 ? ? ? 'X-RAY DIFFRACTION' ? 
p_xhyhbond_nbd      ?     ? ? ? 'X-RAY DIFFRACTION' ? 
p_xyhbond_nbd       ?     ? ? ? 'X-RAY DIFFRACTION' ? 
p_planar_tor        ?     ? ? ? 'X-RAY DIFFRACTION' ? 
p_staggered_tor     ?     ? ? ? 'X-RAY DIFFRACTION' ? 
p_orthonormal_tor   ?     ? ? ? 'X-RAY DIFFRACTION' ? 
p_transverse_tor    ?     ? ? ? 'X-RAY DIFFRACTION' ? 
p_special_tor       ?     ? ? ? 'X-RAY DIFFRACTION' ? 
# 
_struct.entry_id                  168D 
_struct.title                     
;STABILIZING EFFECTS OF THE RNA 2'-SUBSTITUENT: CRYSTAL STRUCTURE OF AN OLIGODEOXYNUCLEOTIDE DUPLEX CONTAINING 2'-O-METHYLATED ADENOSINES
;
_struct.pdbx_model_details        ? 
_struct.pdbx_CASP_flag            ? 
_struct.pdbx_model_type_details   ? 
# 
_struct_keywords.entry_id        168D 
_struct_keywords.pdbx_keywords   'DNA-RNA HYBRID' 
_struct_keywords.text            'A-DNA/RNA, DOUBLE HELIX, MODIFIED, DNA-RNA HYBRID COMPLEX, DNA-RNA HYBRID' 
# 
loop_
_struct_asym.id 
_struct_asym.pdbx_blank_PDB_chainid_flag 
_struct_asym.pdbx_modified 
_struct_asym.entity_id 
_struct_asym.details 
A N N 1 ? 
B N N 1 ? 
C N N 2 ? 
D N N 2 ? 
# 
_struct_ref.id                         1 
_struct_ref.entity_id                  1 
_struct_ref.db_name                    PDB 
_struct_ref.db_code                    168D 
_struct_ref.pdbx_db_accession          168D 
_struct_ref.pdbx_align_begin           ? 
_struct_ref.pdbx_seq_one_letter_code   ? 
_struct_ref.pdbx_db_isoform            ? 
# 
loop_
_struct_ref_seq.align_id 
_struct_ref_seq.ref_id 
_struct_ref_seq.pdbx_PDB_id_code 
_struct_ref_seq.pdbx_strand_id 
_struct_ref_seq.seq_align_beg 
_struct_ref_seq.pdbx_seq_align_beg_ins_code 
_struct_ref_seq.seq_align_end 
_struct_ref_seq.pdbx_seq_align_end_ins_code 
_struct_ref_seq.pdbx_db_accession 
_struct_ref_seq.db_align_beg 
_struct_ref_seq.pdbx_db_align_beg_ins_code 
_struct_ref_seq.db_align_end 
_struct_ref_seq.pdbx_db_align_end_ins_code 
_struct_ref_seq.pdbx_auth_seq_align_beg 
_struct_ref_seq.pdbx_auth_seq_align_end 
1 1 168D A 1 ? 10 ? 168D 1  ? 10 ? 1  10 
2 1 168D B 1 ? 10 ? 168D 11 ? 20 ? 11 20 
# 
_pdbx_struct_assembly.id                   1 
_pdbx_struct_assembly.details              author_defined_assembly 
_pdbx_struct_assembly.method_details       ? 
_pdbx_struct_assembly.oligomeric_details   dimeric 
_pdbx_struct_assembly.oligomeric_count     2 
# 
_pdbx_struct_assembly_gen.assembly_id       1 
_pdbx_struct_assembly_gen.oper_expression   1 
_pdbx_struct_assembly_gen.asym_id_list      A,B,C,D 
# 
_pdbx_struct_oper_list.id                   1 
_pdbx_struct_oper_list.type                 'identity operation' 
_pdbx_struct_oper_list.name                 1_555 
_pdbx_struct_oper_list.symmetry_operation   x,y,z 
_pdbx_struct_oper_list.matrix[1][1]         1.0000000000 
_pdbx_struct_oper_list.matrix[1][2]         0.0000000000 
_pdbx_struct_oper_list.matrix[1][3]         0.0000000000 
_pdbx_struct_oper_list.vector[1]            0.0000000000 
_pdbx_struct_oper_list.matrix[2][1]         0.0000000000 
_pdbx_struct_oper_list.matrix[2][2]         1.0000000000 
_pdbx_struct_oper_list.matrix[2][3]         0.0000000000 
_pdbx_struct_oper_list.vector[2]            0.0000000000 
_pdbx_struct_oper_list.matrix[3][1]         0.0000000000 
_pdbx_struct_oper_list.matrix[3][2]         0.0000000000 
_pdbx_struct_oper_list.matrix[3][3]         1.0000000000 
_pdbx_struct_oper_list.vector[3]            0.0000000000 
# 
_struct_biol.id        1 
_struct_biol.details   ? 
# 
loop_
_struct_conn.id 
_struct_conn.conn_type_id 
_struct_conn.pdbx_leaving_atom_flag 
_struct_conn.pdbx_PDB_id 
_struct_conn.ptnr1_label_asym_id 
_struct_conn.ptnr1_label_comp_id 
_struct_conn.ptnr1_label_seq_id 
_struct_conn.ptnr1_label_atom_id 
_struct_conn.pdbx_ptnr1_label_alt_id 
_struct_conn.pdbx_ptnr1_PDB_ins_code 
_struct_conn.pdbx_ptnr1_standard_comp_id 
_struct_conn.ptnr1_symmetry 
_struct_conn.ptnr2_label_asym_id 
_struct_conn.ptnr2_label_comp_id 
_struct_conn.ptnr2_label_seq_id 
_struct_conn.ptnr2_label_atom_id 
_struct_conn.pdbx_ptnr2_label_alt_id 
_struct_conn.pdbx_ptnr2_PDB_ins_code 
_struct_conn.ptnr1_auth_asym_id 
_struct_conn.ptnr1_auth_comp_id 
_struct_conn.ptnr1_auth_seq_id 
_struct_conn.ptnr2_auth_asym_id 
_struct_conn.ptnr2_auth_comp_id 
_struct_conn.ptnr2_auth_seq_id 
_struct_conn.ptnr2_symmetry 
_struct_conn.pdbx_ptnr3_label_atom_id 
_struct_conn.pdbx_ptnr3_label_seq_id 
_struct_conn.pdbx_ptnr3_label_comp_id 
_struct_conn.pdbx_ptnr3_label_asym_id 
_struct_conn.pdbx_ptnr3_label_alt_id 
_struct_conn.pdbx_ptnr3_PDB_ins_code 
_struct_conn.details 
_struct_conn.pdbx_dist_value 
_struct_conn.pdbx_value_order 
_struct_conn.pdbx_role 
covale1  covale both ? A DT  4  "O3'" ? ? ? 1_555 A A2M 5  P  ? ? A DT  4  A A2M 5  1_555 ? ? ? ? ? ? ?            1.591 ? ? 
covale2  covale one  ? A A2M 5  "O3'" ? ? ? 1_555 A DT  6  P  ? ? A A2M 5  A DT  6  1_555 ? ? ? ? ? ? ?            1.579 ? ? 
covale3  covale both ? B DT  4  "O3'" ? ? ? 1_555 B A2M 5  P  ? ? B DT  14 B A2M 15 1_555 ? ? ? ? ? ? ?            1.556 ? ? 
covale4  covale one  ? B A2M 5  "O3'" ? ? ? 1_555 B DT  6  P  ? ? B A2M 15 B DT  16 1_555 ? ? ? ? ? ? ?            1.587 ? ? 
hydrog1  hydrog ?    ? A DG  1  N1    ? ? ? 1_555 B DC  10 N3 ? ? A DG  1  B DC  20 1_555 ? ? ? ? ? ? WATSON-CRICK ?     ? ? 
hydrog2  hydrog ?    ? A DG  1  N2    ? ? ? 1_555 B DC  10 O2 ? ? A DG  1  B DC  20 1_555 ? ? ? ? ? ? WATSON-CRICK ?     ? ? 
hydrog3  hydrog ?    ? A DG  1  O6    ? ? ? 1_555 B DC  10 N4 ? ? A DG  1  B DC  20 1_555 ? ? ? ? ? ? WATSON-CRICK ?     ? ? 
hydrog4  hydrog ?    ? A DC  2  N3    ? ? ? 1_555 B DG  9  N1 ? ? A DC  2  B DG  19 1_555 ? ? ? ? ? ? WATSON-CRICK ?     ? ? 
hydrog5  hydrog ?    ? A DC  2  N4    ? ? ? 1_555 B DG  9  O6 ? ? A DC  2  B DG  19 1_555 ? ? ? ? ? ? WATSON-CRICK ?     ? ? 
hydrog6  hydrog ?    ? A DC  2  O2    ? ? ? 1_555 B DG  9  N2 ? ? A DC  2  B DG  19 1_555 ? ? ? ? ? ? WATSON-CRICK ?     ? ? 
hydrog7  hydrog ?    ? A DG  3  N1    ? ? ? 1_555 B DC  8  N3 ? ? A DG  3  B DC  18 1_555 ? ? ? ? ? ? WATSON-CRICK ?     ? ? 
hydrog8  hydrog ?    ? A DG  3  N2    ? ? ? 1_555 B DC  8  O2 ? ? A DG  3  B DC  18 1_555 ? ? ? ? ? ? WATSON-CRICK ?     ? ? 
hydrog9  hydrog ?    ? A DG  3  O6    ? ? ? 1_555 B DC  8  N4 ? ? A DG  3  B DC  18 1_555 ? ? ? ? ? ? WATSON-CRICK ?     ? ? 
hydrog10 hydrog ?    ? A DT  4  N3    ? ? ? 1_555 B DA  7  N1 ? ? A DT  4  B DA  17 1_555 ? ? ? ? ? ? WATSON-CRICK ?     ? ? 
hydrog11 hydrog ?    ? A DT  4  O4    ? ? ? 1_555 B DA  7  N6 ? ? A DT  4  B DA  17 1_555 ? ? ? ? ? ? WATSON-CRICK ?     ? ? 
hydrog12 hydrog ?    ? A A2M 5  N1    ? ? ? 1_555 B DT  6  N3 ? ? A A2M 5  B DT  16 1_555 ? ? ? ? ? ? WATSON-CRICK ?     ? ? 
hydrog13 hydrog ?    ? A A2M 5  N6    ? ? ? 1_555 B DT  6  O4 ? ? A A2M 5  B DT  16 1_555 ? ? ? ? ? ? WATSON-CRICK ?     ? ? 
hydrog14 hydrog ?    ? A DT  6  N3    ? ? ? 1_555 B A2M 5  N1 ? ? A DT  6  B A2M 15 1_555 ? ? ? ? ? ? WATSON-CRICK ?     ? ? 
hydrog15 hydrog ?    ? A DT  6  O4    ? ? ? 1_555 B A2M 5  N6 ? ? A DT  6  B A2M 15 1_555 ? ? ? ? ? ? WATSON-CRICK ?     ? ? 
hydrog16 hydrog ?    ? A DA  7  N1    ? ? ? 1_555 B DT  4  N3 ? ? A DA  7  B DT  14 1_555 ? ? ? ? ? ? WATSON-CRICK ?     ? ? 
hydrog17 hydrog ?    ? A DA  7  N6    ? ? ? 1_555 B DT  4  O4 ? ? A DA  7  B DT  14 1_555 ? ? ? ? ? ? WATSON-CRICK ?     ? ? 
hydrog18 hydrog ?    ? A DC  8  N3    ? ? ? 1_555 B DG  3  N1 ? ? A DC  8  B DG  13 1_555 ? ? ? ? ? ? WATSON-CRICK ?     ? ? 
hydrog19 hydrog ?    ? A DC  8  N4    ? ? ? 1_555 B DG  3  O6 ? ? A DC  8  B DG  13 1_555 ? ? ? ? ? ? WATSON-CRICK ?     ? ? 
hydrog20 hydrog ?    ? A DC  8  O2    ? ? ? 1_555 B DG  3  N2 ? ? A DC  8  B DG  13 1_555 ? ? ? ? ? ? WATSON-CRICK ?     ? ? 
hydrog21 hydrog ?    ? A DG  9  N1    ? ? ? 1_555 B DC  2  N3 ? ? A DG  9  B DC  12 1_555 ? ? ? ? ? ? WATSON-CRICK ?     ? ? 
hydrog22 hydrog ?    ? A DG  9  N2    ? ? ? 1_555 B DC  2  O2 ? ? A DG  9  B DC  12 1_555 ? ? ? ? ? ? WATSON-CRICK ?     ? ? 
hydrog23 hydrog ?    ? A DG  9  O6    ? ? ? 1_555 B DC  2  N4 ? ? A DG  9  B DC  12 1_555 ? ? ? ? ? ? WATSON-CRICK ?     ? ? 
hydrog24 hydrog ?    ? A DC  10 N3    ? ? ? 1_555 B DG  1  N1 ? ? A DC  10 B DG  11 1_555 ? ? ? ? ? ? WATSON-CRICK ?     ? ? 
hydrog25 hydrog ?    ? A DC  10 N4    ? ? ? 1_555 B DG  1  O6 ? ? A DC  10 B DG  11 1_555 ? ? ? ? ? ? WATSON-CRICK ?     ? ? 
hydrog26 hydrog ?    ? A DC  10 O2    ? ? ? 1_555 B DG  1  N2 ? ? A DC  10 B DG  11 1_555 ? ? ? ? ? ? WATSON-CRICK ?     ? ? 
# 
loop_
_struct_conn_type.id 
_struct_conn_type.criteria 
_struct_conn_type.reference 
covale ? ? 
hydrog ? ? 
# 
_pdbx_validate_symm_contact.id                1 
_pdbx_validate_symm_contact.PDB_model_num     1 
_pdbx_validate_symm_contact.auth_atom_id_1    O 
_pdbx_validate_symm_contact.auth_asym_id_1    A 
_pdbx_validate_symm_contact.auth_comp_id_1    HOH 
_pdbx_validate_symm_contact.auth_seq_id_1     28 
_pdbx_validate_symm_contact.PDB_ins_code_1    ? 
_pdbx_validate_symm_contact.label_alt_id_1    ? 
_pdbx_validate_symm_contact.site_symmetry_1   1_555 
_pdbx_validate_symm_contact.auth_atom_id_2    O 
_pdbx_validate_symm_contact.auth_asym_id_2    A 
_pdbx_validate_symm_contact.auth_comp_id_2    HOH 
_pdbx_validate_symm_contact.auth_seq_id_2     72 
_pdbx_validate_symm_contact.PDB_ins_code_2    ? 
_pdbx_validate_symm_contact.label_alt_id_2    ? 
_pdbx_validate_symm_contact.site_symmetry_2   3_545 
_pdbx_validate_symm_contact.dist              2.14 
# 
loop_
_pdbx_validate_rmsd_bond.id 
_pdbx_validate_rmsd_bond.PDB_model_num 
_pdbx_validate_rmsd_bond.auth_atom_id_1 
_pdbx_validate_rmsd_bond.auth_asym_id_1 
_pdbx_validate_rmsd_bond.auth_comp_id_1 
_pdbx_validate_rmsd_bond.auth_seq_id_1 
_pdbx_validate_rmsd_bond.PDB_ins_code_1 
_pdbx_validate_rmsd_bond.label_alt_id_1 
_pdbx_validate_rmsd_bond.auth_atom_id_2 
_pdbx_validate_rmsd_bond.auth_asym_id_2 
_pdbx_validate_rmsd_bond.auth_comp_id_2 
_pdbx_validate_rmsd_bond.auth_seq_id_2 
_pdbx_validate_rmsd_bond.PDB_ins_code_2 
_pdbx_validate_rmsd_bond.label_alt_id_2 
_pdbx_validate_rmsd_bond.bond_value 
_pdbx_validate_rmsd_bond.bond_target_value 
_pdbx_validate_rmsd_bond.bond_deviation 
_pdbx_validate_rmsd_bond.bond_standard_deviation 
_pdbx_validate_rmsd_bond.linker_flag 
1  1 C6    A DG 1  ? ? N1    A DG 1  ? ? 1.326 1.391 -0.065 0.007 N 
2  1 C8    A DG 1  ? ? N9    A DG 1  ? ? 1.330 1.374 -0.044 0.007 N 
3  1 C2    A DG 1  ? ? N2    A DG 1  ? ? 1.234 1.341 -0.107 0.010 N 
4  1 P     A DC 2  ? ? "O5'" A DC 2  ? ? 1.654 1.593 0.061  0.010 N 
5  1 N3    A DC 2  ? ? C4    A DC 2  ? ? 1.389 1.335 0.054  0.007 N 
6  1 "O3'" A DG 3  ? ? "C3'" A DG 3  ? ? 1.363 1.419 -0.056 0.006 N 
7  1 C6    A DG 3  ? ? N1    A DG 3  ? ? 1.338 1.391 -0.053 0.007 N 
8  1 C2    A DG 3  ? ? N2    A DG 3  ? ? 1.242 1.341 -0.099 0.010 N 
9  1 "O3'" A DA 7  ? ? "C3'" A DA 7  ? ? 1.368 1.419 -0.051 0.006 N 
10 1 "C2'" A DC 8  ? ? "C1'" A DC 8  ? ? 1.581 1.519 0.062  0.010 N 
11 1 "O3'" A DC 8  ? ? "C3'" A DC 8  ? ? 1.373 1.419 -0.046 0.006 N 
12 1 N3    A DC 8  ? ? C4    A DC 8  ? ? 1.380 1.335 0.045  0.007 N 
13 1 "O3'" A DG 9  ? ? "C3'" A DG 9  ? ? 1.372 1.419 -0.047 0.006 N 
14 1 C6    A DG 9  ? ? N1    A DG 9  ? ? 1.336 1.391 -0.055 0.007 N 
15 1 C8    A DG 9  ? ? N9    A DG 9  ? ? 1.318 1.374 -0.056 0.007 N 
16 1 C2    A DG 9  ? ? N2    A DG 9  ? ? 1.234 1.341 -0.107 0.010 N 
17 1 N3    A DC 10 ? ? C4    A DC 10 ? ? 1.389 1.335 0.054  0.007 N 
18 1 C6    B DG 11 ? ? N1    B DG 11 ? ? 1.334 1.391 -0.057 0.007 N 
19 1 C8    B DG 11 ? ? N9    B DG 11 ? ? 1.332 1.374 -0.042 0.007 N 
20 1 C2    B DG 11 ? ? N2    B DG 11 ? ? 1.227 1.341 -0.114 0.010 N 
21 1 "O3'" B DC 12 ? ? "C3'" B DC 12 ? ? 1.376 1.419 -0.043 0.006 N 
22 1 C6    B DG 13 ? ? N1    B DG 13 ? ? 1.340 1.391 -0.051 0.007 N 
23 1 C8    B DG 13 ? ? N9    B DG 13 ? ? 1.321 1.374 -0.053 0.007 N 
24 1 C2    B DG 13 ? ? N2    B DG 13 ? ? 1.229 1.341 -0.112 0.010 N 
25 1 "O3'" B DT 14 ? ? "C3'" B DT 14 ? ? 1.364 1.419 -0.055 0.006 N 
26 1 P     B DC 18 ? ? "O5'" B DC 18 ? ? 1.673 1.593 0.080  0.010 N 
27 1 "O3'" B DC 18 ? ? "C3'" B DC 18 ? ? 1.380 1.419 -0.039 0.006 N 
28 1 N3    B DC 18 ? ? C4    B DC 18 ? ? 1.385 1.335 0.050  0.007 N 
29 1 C6    B DG 19 ? ? N1    B DG 19 ? ? 1.341 1.391 -0.050 0.007 N 
30 1 C2    B DG 19 ? ? N2    B DG 19 ? ? 1.235 1.341 -0.106 0.010 N 
31 1 N3    B DC 20 ? ? C4    B DC 20 ? ? 1.385 1.335 0.050  0.007 N 
# 
loop_
_pdbx_validate_rmsd_angle.id 
_pdbx_validate_rmsd_angle.PDB_model_num 
_pdbx_validate_rmsd_angle.auth_atom_id_1 
_pdbx_validate_rmsd_angle.auth_asym_id_1 
_pdbx_validate_rmsd_angle.auth_comp_id_1 
_pdbx_validate_rmsd_angle.auth_seq_id_1 
_pdbx_validate_rmsd_angle.PDB_ins_code_1 
_pdbx_validate_rmsd_angle.label_alt_id_1 
_pdbx_validate_rmsd_angle.auth_atom_id_2 
_pdbx_validate_rmsd_angle.auth_asym_id_2 
_pdbx_validate_rmsd_angle.auth_comp_id_2 
_pdbx_validate_rmsd_angle.auth_seq_id_2 
_pdbx_validate_rmsd_angle.PDB_ins_code_2 
_pdbx_validate_rmsd_angle.label_alt_id_2 
_pdbx_validate_rmsd_angle.auth_atom_id_3 
_pdbx_validate_rmsd_angle.auth_asym_id_3 
_pdbx_validate_rmsd_angle.auth_comp_id_3 
_pdbx_validate_rmsd_angle.auth_seq_id_3 
_pdbx_validate_rmsd_angle.PDB_ins_code_3 
_pdbx_validate_rmsd_angle.label_alt_id_3 
_pdbx_validate_rmsd_angle.angle_value 
_pdbx_validate_rmsd_angle.angle_target_value 
_pdbx_validate_rmsd_angle.angle_deviation 
_pdbx_validate_rmsd_angle.angle_standard_deviation 
_pdbx_validate_rmsd_angle.linker_flag 
1  1 "O4'" A DG  1  ? ? "C1'" A DG  1  ? ? N9    A DG  1  ? ? 111.00 108.30 2.70   0.30 N 
2  1 C6    A DG  1  ? ? N1    A DG  1  ? ? C2    A DG  1  ? ? 119.67 125.10 -5.43  0.60 N 
3  1 N1    A DG  1  ? ? C2    A DG  1  ? ? N3    A DG  1  ? ? 128.76 123.90 4.86   0.60 N 
4  1 C5    A DG  1  ? ? C6    A DG  1  ? ? N1    A DG  1  ? ? 117.89 111.50 6.39   0.50 N 
5  1 N1    A DG  1  ? ? C2    A DG  1  ? ? N2    A DG  1  ? ? 122.80 116.20 6.60   0.90 N 
6  1 N3    A DG  1  ? ? C2    A DG  1  ? ? N2    A DG  1  ? ? 108.44 119.90 -11.46 0.70 N 
7  1 C5    A DG  1  ? ? C6    A DG  1  ? ? O6    A DG  1  ? ? 120.19 128.60 -8.41  0.60 N 
8  1 "O5'" A DC  2  ? ? P     A DC  2  ? ? OP1   A DC  2  ? ? 97.16  105.70 -8.54  0.90 N 
9  1 C2    A DC  2  ? ? N3    A DC  2  ? ? C4    A DC  2  ? ? 124.09 119.90 4.19   0.50 N 
10 1 N3    A DC  2  ? ? C4    A DC  2  ? ? C5    A DC  2  ? ? 116.58 121.90 -5.32  0.40 N 
11 1 N1    A DC  2  ? ? C2    A DC  2  ? ? O2    A DC  2  ? ? 124.56 118.90 5.66   0.60 N 
12 1 C5    A DC  2  ? ? C4    A DC  2  ? ? N4    A DC  2  ? ? 126.21 120.20 6.01   0.70 N 
13 1 "O5'" A DG  3  ? ? P     A DG  3  ? ? OP1   A DG  3  ? ? 98.64  105.70 -7.06  0.90 N 
14 1 "O5'" A DG  3  ? ? "C5'" A DG  3  ? ? "C4'" A DG  3  ? ? 103.61 109.40 -5.79  0.80 N 
15 1 "O4'" A DG  3  ? ? "C4'" A DG  3  ? ? "C3'" A DG  3  ? ? 99.30  104.50 -5.20  0.40 N 
16 1 C6    A DG  3  ? ? N1    A DG  3  ? ? C2    A DG  3  ? ? 119.53 125.10 -5.57  0.60 N 
17 1 N1    A DG  3  ? ? C2    A DG  3  ? ? N3    A DG  3  ? ? 128.37 123.90 4.47   0.60 N 
18 1 C5    A DG  3  ? ? C6    A DG  3  ? ? N1    A DG  3  ? ? 117.55 111.50 6.05   0.50 N 
19 1 N3    A DG  3  ? ? C2    A DG  3  ? ? N2    A DG  3  ? ? 110.06 119.90 -9.84  0.70 N 
20 1 C5    A DG  3  ? ? C6    A DG  3  ? ? O6    A DG  3  ? ? 123.62 128.60 -4.98  0.60 N 
21 1 P     A DT  4  ? ? "O5'" A DT  4  ? ? "C5'" A DT  4  ? ? 109.28 120.90 -11.62 1.60 N 
22 1 "O4'" A DT  4  ? ? "C1'" A DT  4  ? ? N1    A DT  4  ? ? 101.72 108.00 -6.28  0.70 N 
23 1 "C3'" A DT  4  ? ? "O3'" A DT  4  ? ? P     A A2M 5  ? ? 127.96 119.70 8.26   1.20 Y 
24 1 "C3'" A A2M 5  ? ? "O3'" A A2M 5  ? ? P     A DT  6  ? ? 127.54 119.70 7.84   1.20 Y 
25 1 "O5'" A DT  6  ? ? P     A DT  6  ? ? OP1   A DT  6  ? ? 97.80  105.70 -7.90  0.90 N 
26 1 "O5'" A DA  7  ? ? P     A DA  7  ? ? OP1   A DA  7  ? ? 97.81  105.70 -7.89  0.90 N 
27 1 "O4'" A DA  7  ? ? "C4'" A DA  7  ? ? "C3'" A DA  7  ? ? 99.53  104.50 -4.97  0.40 N 
28 1 "C3'" A DA  7  ? ? "O3'" A DA  7  ? ? P     A DC  8  ? ? 128.25 119.70 8.55   1.20 Y 
29 1 P     A DC  8  ? ? "O5'" A DC  8  ? ? "C5'" A DC  8  ? ? 135.47 120.90 14.57  1.60 N 
30 1 "O4'" A DC  8  ? ? "C4'" A DC  8  ? ? "C3'" A DC  8  ? ? 97.65  104.50 -6.85  0.40 N 
31 1 C2    A DC  8  ? ? N3    A DC  8  ? ? C4    A DC  8  ? ? 124.74 119.90 4.84   0.50 N 
32 1 N3    A DC  8  ? ? C4    A DC  8  ? ? C5    A DC  8  ? ? 117.39 121.90 -4.51  0.40 N 
33 1 N1    A DC  8  ? ? C2    A DC  8  ? ? O2    A DC  8  ? ? 125.25 118.90 6.35   0.60 N 
34 1 C5    A DC  8  ? ? C4    A DC  8  ? ? N4    A DC  8  ? ? 126.83 120.20 6.63   0.70 N 
35 1 "O3'" A DC  8  ? ? P     A DG  9  ? ? "O5'" A DG  9  ? ? 115.74 104.00 11.74  1.90 Y 
36 1 "O5'" A DG  9  ? ? P     A DG  9  ? ? OP1   A DG  9  ? ? 100.13 105.70 -5.57  0.90 N 
37 1 "O4'" A DG  9  ? ? "C4'" A DG  9  ? ? "C3'" A DG  9  ? ? 100.44 104.50 -4.06  0.40 N 
38 1 C6    A DG  9  ? ? N1    A DG  9  ? ? C2    A DG  9  ? ? 119.24 125.10 -5.86  0.60 N 
39 1 N1    A DG  9  ? ? C2    A DG  9  ? ? N3    A DG  9  ? ? 129.56 123.90 5.66   0.60 N 
40 1 C2    A DG  9  ? ? N3    A DG  9  ? ? C4    A DG  9  ? ? 108.79 111.90 -3.11  0.50 N 
41 1 C5    A DG  9  ? ? C6    A DG  9  ? ? N1    A DG  9  ? ? 116.72 111.50 5.22   0.50 N 
42 1 N3    A DG  9  ? ? C2    A DG  9  ? ? N2    A DG  9  ? ? 109.28 119.90 -10.62 0.70 N 
43 1 "O5'" A DC  10 ? ? P     A DC  10 ? ? OP1   A DC  10 ? ? 99.93  105.70 -5.77  0.90 N 
44 1 C2    A DC  10 ? ? N3    A DC  10 ? ? C4    A DC  10 ? ? 124.69 119.90 4.79   0.50 N 
45 1 N3    A DC  10 ? ? C4    A DC  10 ? ? C5    A DC  10 ? ? 117.77 121.90 -4.13  0.40 N 
46 1 C5    A DC  10 ? ? C6    A DC  10 ? ? N1    A DC  10 ? ? 124.20 121.00 3.20   0.50 N 
47 1 N1    A DC  10 ? ? C2    A DC  10 ? ? O2    A DC  10 ? ? 125.16 118.90 6.26   0.60 N 
48 1 C5    A DC  10 ? ? C4    A DC  10 ? ? N4    A DC  10 ? ? 124.68 120.20 4.48   0.70 N 
49 1 "O5'" B DG  11 ? ? "C5'" B DG  11 ? ? "C4'" B DG  11 ? ? 104.32 109.40 -5.08  0.80 N 
50 1 C6    B DG  11 ? ? N1    B DG  11 ? ? C2    B DG  11 ? ? 119.30 125.10 -5.80  0.60 N 
51 1 N1    B DG  11 ? ? C2    B DG  11 ? ? N3    B DG  11 ? ? 128.18 123.90 4.28   0.60 N 
52 1 C5    B DG  11 ? ? C6    B DG  11 ? ? N1    B DG  11 ? ? 117.93 111.50 6.43   0.50 N 
53 1 N3    B DG  11 ? ? C2    B DG  11 ? ? N2    B DG  11 ? ? 111.27 119.90 -8.63  0.70 N 
54 1 C5    B DG  11 ? ? C6    B DG  11 ? ? O6    B DG  11 ? ? 122.61 128.60 -5.99  0.60 N 
55 1 "O5'" B DC  12 ? ? P     B DC  12 ? ? OP1   B DC  12 ? ? 98.92  105.70 -6.78  0.90 N 
56 1 C2    B DC  12 ? ? N3    B DC  12 ? ? C4    B DC  12 ? ? 124.56 119.90 4.66   0.50 N 
57 1 N3    B DC  12 ? ? C4    B DC  12 ? ? C5    B DC  12 ? ? 117.49 121.90 -4.41  0.40 N 
58 1 N1    B DC  12 ? ? C2    B DC  12 ? ? O2    B DC  12 ? ? 125.01 118.90 6.11   0.60 N 
59 1 "C3'" B DC  12 ? ? "O3'" B DC  12 ? ? P     B DG  13 ? ? 127.60 119.70 7.90   1.20 Y 
60 1 "O5'" B DG  13 ? ? P     B DG  13 ? ? OP1   B DG  13 ? ? 97.75  105.70 -7.95  0.90 N 
61 1 "O5'" B DG  13 ? ? "C5'" B DG  13 ? ? "C4'" B DG  13 ? ? 102.47 109.40 -6.93  0.80 N 
62 1 C6    B DG  13 ? ? N1    B DG  13 ? ? C2    B DG  13 ? ? 120.22 125.10 -4.88  0.60 N 
63 1 N1    B DG  13 ? ? C2    B DG  13 ? ? N3    B DG  13 ? ? 127.95 123.90 4.05   0.60 N 
64 1 C5    B DG  13 ? ? C6    B DG  13 ? ? N1    B DG  13 ? ? 117.09 111.50 5.59   0.50 N 
65 1 N1    B DG  13 ? ? C2    B DG  13 ? ? N2    B DG  13 ? ? 123.18 116.20 6.98   0.90 N 
66 1 N3    B DG  13 ? ? C2    B DG  13 ? ? N2    B DG  13 ? ? 108.86 119.90 -11.04 0.70 N 
67 1 C5    B DG  13 ? ? C6    B DG  13 ? ? O6    B DG  13 ? ? 123.49 128.60 -5.11  0.60 N 
68 1 "O5'" B DT  14 ? ? P     B DT  14 ? ? OP1   B DT  14 ? ? 99.65  105.70 -6.05  0.90 N 
69 1 "O4'" B DT  14 ? ? "C4'" B DT  14 ? ? "C3'" B DT  14 ? ? 99.97  104.50 -4.53  0.40 N 
70 1 "O5'" B DT  16 ? ? P     B DT  16 ? ? OP1   B DT  16 ? ? 98.19  105.70 -7.51  0.90 N 
71 1 N3    B DT  16 ? ? C2    B DT  16 ? ? O2    B DT  16 ? ? 118.61 122.30 -3.69  0.60 N 
72 1 N3    B DT  16 ? ? C4    B DT  16 ? ? O4    B DT  16 ? ? 115.02 119.90 -4.88  0.60 N 
73 1 "C3'" B DT  16 ? ? "O3'" B DT  16 ? ? P     B DA  17 ? ? 128.99 119.70 9.29   1.20 Y 
74 1 "O5'" B DA  17 ? ? P     B DA  17 ? ? OP2   B DA  17 ? ? 96.78  105.70 -8.92  0.90 N 
75 1 P     B DA  17 ? ? "O5'" B DA  17 ? ? "C5'" B DA  17 ? ? 109.98 120.90 -10.92 1.60 N 
76 1 "O4'" B DA  17 ? ? "C1'" B DA  17 ? ? N9    B DA  17 ? ? 103.20 108.00 -4.80  0.70 N 
77 1 "O5'" B DC  18 ? ? P     B DC  18 ? ? OP1   B DC  18 ? ? 99.67  105.70 -6.03  0.90 N 
78 1 "C5'" B DC  18 ? ? "C4'" B DC  18 ? ? "C3'" B DC  18 ? ? 122.99 115.70 7.29   1.20 N 
79 1 "O4'" B DC  18 ? ? "C1'" B DC  18 ? ? N1    B DC  18 ? ? 112.93 108.30 4.63   0.30 N 
80 1 C2    B DC  18 ? ? N3    B DC  18 ? ? C4    B DC  18 ? ? 124.37 119.90 4.47   0.50 N 
81 1 N3    B DC  18 ? ? C4    B DC  18 ? ? C5    B DC  18 ? ? 116.81 121.90 -5.09  0.40 N 
82 1 N1    B DC  18 ? ? C2    B DC  18 ? ? O2    B DC  18 ? ? 124.74 118.90 5.84   0.60 N 
83 1 C5    B DC  18 ? ? C4    B DC  18 ? ? N4    B DC  18 ? ? 127.13 120.20 6.93   0.70 N 
84 1 "C3'" B DC  18 ? ? "O3'" B DC  18 ? ? P     B DG  19 ? ? 130.01 119.70 10.31  1.20 Y 
85 1 "O5'" B DG  19 ? ? P     B DG  19 ? ? OP2   B DG  19 ? ? 95.77  105.70 -9.93  0.90 N 
86 1 C6    B DG  19 ? ? N1    B DG  19 ? ? C2    B DG  19 ? ? 120.19 125.10 -4.91  0.60 N 
87 1 N1    B DG  19 ? ? C2    B DG  19 ? ? N3    B DG  19 ? ? 127.96 123.90 4.06   0.60 N 
88 1 C5    B DG  19 ? ? C6    B DG  19 ? ? N1    B DG  19 ? ? 117.54 111.50 6.04   0.50 N 
89 1 N1    B DG  19 ? ? C2    B DG  19 ? ? N2    B DG  19 ? ? 122.18 116.20 5.98   0.90 N 
90 1 N3    B DG  19 ? ? C2    B DG  19 ? ? N2    B DG  19 ? ? 109.86 119.90 -10.04 0.70 N 
91 1 C5    B DG  19 ? ? C6    B DG  19 ? ? O6    B DG  19 ? ? 124.75 128.60 -3.85  0.60 N 
92 1 "O5'" B DC  20 ? ? P     B DC  20 ? ? OP2   B DC  20 ? ? 99.83  105.70 -5.87  0.90 N 
93 1 "O5'" B DC  20 ? ? "C5'" B DC  20 ? ? "C4'" B DC  20 ? ? 100.52 109.40 -8.88  0.80 N 
94 1 "O4'" B DC  20 ? ? "C4'" B DC  20 ? ? "C3'" B DC  20 ? ? 101.34 104.50 -3.16  0.40 N 
95 1 N3    B DC  20 ? ? C4    B DC  20 ? ? C5    B DC  20 ? ? 118.99 121.90 -2.91  0.40 N 
96 1 N1    B DC  20 ? ? C2    B DC  20 ? ? O2    B DC  20 ? ? 124.79 118.90 5.89   0.60 N 
97 1 C5    B DC  20 ? ? C4    B DC  20 ? ? N4    B DC  20 ? ? 125.17 120.20 4.97   0.70 N 
# 
loop_
_pdbx_struct_mod_residue.id 
_pdbx_struct_mod_residue.label_asym_id 
_pdbx_struct_mod_residue.label_comp_id 
_pdbx_struct_mod_residue.label_seq_id 
_pdbx_struct_mod_residue.auth_asym_id 
_pdbx_struct_mod_residue.auth_comp_id 
_pdbx_struct_mod_residue.auth_seq_id 
_pdbx_struct_mod_residue.PDB_ins_code 
_pdbx_struct_mod_residue.parent_comp_id 
_pdbx_struct_mod_residue.details 
1 A A2M 5 A A2M 5  ? A "2'-O-METHYL-ADENOSINE-5'-MONOPHOSPHATE" 
2 B A2M 5 B A2M 15 ? A "2'-O-METHYL-ADENOSINE-5'-MONOPHOSPHATE" 
# 
loop_
_refine_B_iso.class 
_refine_B_iso.details 
_refine_B_iso.treatment 
_refine_B_iso.pdbx_refine_id 
'ALL ATOMS'  TR isotropic 'X-RAY DIFFRACTION' 
'ALL WATERS' TR isotropic 'X-RAY DIFFRACTION' 
# 
loop_
_refine_occupancy.class 
_refine_occupancy.treatment 
_refine_occupancy.pdbx_refine_id 
'ALL ATOMS'  fix 'X-RAY DIFFRACTION' 
'ALL WATERS' fix 'X-RAY DIFFRACTION' 
# 
loop_
_chem_comp_atom.comp_id 
_chem_comp_atom.atom_id 
_chem_comp_atom.type_symbol 
_chem_comp_atom.pdbx_aromatic_flag 
_chem_comp_atom.pdbx_stereo_config 
_chem_comp_atom.pdbx_ordinal 
A2M P      P N N 1   
A2M OP1    O N N 2   
A2M OP3    O N N 3   
A2M "O5'"  O N N 4   
A2M "C5'"  C N N 5   
A2M "C4'"  C N R 6   
A2M "O4'"  O N N 7   
A2M "C3'"  C N R 8   
A2M "O3'"  O N N 9   
A2M "C2'"  C N R 10  
A2M "O2'"  O N N 11  
A2M "C1'"  C N R 12  
A2M "CM'"  C N N 13  
A2M N9     N Y N 14  
A2M C8     C Y N 15  
A2M N7     N Y N 16  
A2M C5     C Y N 17  
A2M C6     C Y N 18  
A2M N6     N N N 19  
A2M N1     N Y N 20  
A2M C2     C Y N 21  
A2M N3     N Y N 22  
A2M C4     C Y N 23  
A2M HOP3   H N N 24  
A2M "H5'"  H N N 25  
A2M "H5''" H N N 26  
A2M "H4'"  H N N 27  
A2M "H3'"  H N N 28  
A2M "HO3'" H N N 29  
A2M "H2'"  H N N 30  
A2M "H1'"  H N N 31  
A2M "HM'1" H N N 32  
A2M "HM'2" H N N 33  
A2M "HM'3" H N N 34  
A2M H8     H N N 35  
A2M H61    H N N 36  
A2M H62    H N N 37  
A2M H2     H N N 38  
A2M OP2    O N N 39  
A2M HOP2   H N N 40  
DA  OP3    O N N 41  
DA  P      P N N 42  
DA  OP1    O N N 43  
DA  OP2    O N N 44  
DA  "O5'"  O N N 45  
DA  "C5'"  C N N 46  
DA  "C4'"  C N R 47  
DA  "O4'"  O N N 48  
DA  "C3'"  C N S 49  
DA  "O3'"  O N N 50  
DA  "C2'"  C N N 51  
DA  "C1'"  C N R 52  
DA  N9     N Y N 53  
DA  C8     C Y N 54  
DA  N7     N Y N 55  
DA  C5     C Y N 56  
DA  C6     C Y N 57  
DA  N6     N N N 58  
DA  N1     N Y N 59  
DA  C2     C Y N 60  
DA  N3     N Y N 61  
DA  C4     C Y N 62  
DA  HOP3   H N N 63  
DA  HOP2   H N N 64  
DA  "H5'"  H N N 65  
DA  "H5''" H N N 66  
DA  "H4'"  H N N 67  
DA  "H3'"  H N N 68  
DA  "HO3'" H N N 69  
DA  "H2'"  H N N 70  
DA  "H2''" H N N 71  
DA  "H1'"  H N N 72  
DA  H8     H N N 73  
DA  H61    H N N 74  
DA  H62    H N N 75  
DA  H2     H N N 76  
DC  OP3    O N N 77  
DC  P      P N N 78  
DC  OP1    O N N 79  
DC  OP2    O N N 80  
DC  "O5'"  O N N 81  
DC  "C5'"  C N N 82  
DC  "C4'"  C N R 83  
DC  "O4'"  O N N 84  
DC  "C3'"  C N S 85  
DC  "O3'"  O N N 86  
DC  "C2'"  C N N 87  
DC  "C1'"  C N R 88  
DC  N1     N N N 89  
DC  C2     C N N 90  
DC  O2     O N N 91  
DC  N3     N N N 92  
DC  C4     C N N 93  
DC  N4     N N N 94  
DC  C5     C N N 95  
DC  C6     C N N 96  
DC  HOP3   H N N 97  
DC  HOP2   H N N 98  
DC  "H5'"  H N N 99  
DC  "H5''" H N N 100 
DC  "H4'"  H N N 101 
DC  "H3'"  H N N 102 
DC  "HO3'" H N N 103 
DC  "H2'"  H N N 104 
DC  "H2''" H N N 105 
DC  "H1'"  H N N 106 
DC  H41    H N N 107 
DC  H42    H N N 108 
DC  H5     H N N 109 
DC  H6     H N N 110 
DG  OP3    O N N 111 
DG  P      P N N 112 
DG  OP1    O N N 113 
DG  OP2    O N N 114 
DG  "O5'"  O N N 115 
DG  "C5'"  C N N 116 
DG  "C4'"  C N R 117 
DG  "O4'"  O N N 118 
DG  "C3'"  C N S 119 
DG  "O3'"  O N N 120 
DG  "C2'"  C N N 121 
DG  "C1'"  C N R 122 
DG  N9     N Y N 123 
DG  C8     C Y N 124 
DG  N7     N Y N 125 
DG  C5     C Y N 126 
DG  C6     C N N 127 
DG  O6     O N N 128 
DG  N1     N N N 129 
DG  C2     C N N 130 
DG  N2     N N N 131 
DG  N3     N N N 132 
DG  C4     C Y N 133 
DG  HOP3   H N N 134 
DG  HOP2   H N N 135 
DG  "H5'"  H N N 136 
DG  "H5''" H N N 137 
DG  "H4'"  H N N 138 
DG  "H3'"  H N N 139 
DG  "HO3'" H N N 140 
DG  "H2'"  H N N 141 
DG  "H2''" H N N 142 
DG  "H1'"  H N N 143 
DG  H8     H N N 144 
DG  H1     H N N 145 
DG  H21    H N N 146 
DG  H22    H N N 147 
DT  OP3    O N N 148 
DT  P      P N N 149 
DT  OP1    O N N 150 
DT  OP2    O N N 151 
DT  "O5'"  O N N 152 
DT  "C5'"  C N N 153 
DT  "C4'"  C N R 154 
DT  "O4'"  O N N 155 
DT  "C3'"  C N S 156 
DT  "O3'"  O N N 157 
DT  "C2'"  C N N 158 
DT  "C1'"  C N R 159 
DT  N1     N N N 160 
DT  C2     C N N 161 
DT  O2     O N N 162 
DT  N3     N N N 163 
DT  C4     C N N 164 
DT  O4     O N N 165 
DT  C5     C N N 166 
DT  C7     C N N 167 
DT  C6     C N N 168 
DT  HOP3   H N N 169 
DT  HOP2   H N N 170 
DT  "H5'"  H N N 171 
DT  "H5''" H N N 172 
DT  "H4'"  H N N 173 
DT  "H3'"  H N N 174 
DT  "HO3'" H N N 175 
DT  "H2'"  H N N 176 
DT  "H2''" H N N 177 
DT  "H1'"  H N N 178 
DT  H3     H N N 179 
DT  H71    H N N 180 
DT  H72    H N N 181 
DT  H73    H N N 182 
DT  H6     H N N 183 
HOH O      O N N 184 
HOH H1     H N N 185 
HOH H2     H N N 186 
# 
loop_
_chem_comp_bond.comp_id 
_chem_comp_bond.atom_id_1 
_chem_comp_bond.atom_id_2 
_chem_comp_bond.value_order 
_chem_comp_bond.pdbx_aromatic_flag 
_chem_comp_bond.pdbx_stereo_config 
_chem_comp_bond.pdbx_ordinal 
A2M P     OP1    doub N N 1   
A2M P     OP3    sing N N 2   
A2M P     "O5'"  sing N N 3   
A2M OP3   HOP3   sing N N 4   
A2M "O5'" "C5'"  sing N N 5   
A2M "C5'" "C4'"  sing N N 6   
A2M "C5'" "H5'"  sing N N 7   
A2M "C5'" "H5''" sing N N 8   
A2M "C4'" "O4'"  sing N N 9   
A2M "C4'" "C3'"  sing N N 10  
A2M "C4'" "H4'"  sing N N 11  
A2M "O4'" "C1'"  sing N N 12  
A2M "C3'" "O3'"  sing N N 13  
A2M "C3'" "C2'"  sing N N 14  
A2M "C3'" "H3'"  sing N N 15  
A2M "O3'" "HO3'" sing N N 16  
A2M "C2'" "O2'"  sing N N 17  
A2M "C2'" "C1'"  sing N N 18  
A2M "C2'" "H2'"  sing N N 19  
A2M "O2'" "CM'"  sing N N 20  
A2M "C1'" N9     sing N N 21  
A2M "C1'" "H1'"  sing N N 22  
A2M "CM'" "HM'1" sing N N 23  
A2M "CM'" "HM'2" sing N N 24  
A2M "CM'" "HM'3" sing N N 25  
A2M N9    C8     sing Y N 26  
A2M N9    C4     sing Y N 27  
A2M C8    N7     doub Y N 28  
A2M C8    H8     sing N N 29  
A2M N7    C5     sing Y N 30  
A2M C5    C6     sing Y N 31  
A2M C5    C4     doub Y N 32  
A2M C6    N6     sing N N 33  
A2M C6    N1     doub Y N 34  
A2M N6    H61    sing N N 35  
A2M N6    H62    sing N N 36  
A2M N1    C2     sing Y N 37  
A2M C2    N3     doub Y N 38  
A2M C2    H2     sing N N 39  
A2M N3    C4     sing Y N 40  
A2M P     OP2    sing N N 41  
A2M OP2   HOP2   sing N N 42  
DA  OP3   P      sing N N 43  
DA  OP3   HOP3   sing N N 44  
DA  P     OP1    doub N N 45  
DA  P     OP2    sing N N 46  
DA  P     "O5'"  sing N N 47  
DA  OP2   HOP2   sing N N 48  
DA  "O5'" "C5'"  sing N N 49  
DA  "C5'" "C4'"  sing N N 50  
DA  "C5'" "H5'"  sing N N 51  
DA  "C5'" "H5''" sing N N 52  
DA  "C4'" "O4'"  sing N N 53  
DA  "C4'" "C3'"  sing N N 54  
DA  "C4'" "H4'"  sing N N 55  
DA  "O4'" "C1'"  sing N N 56  
DA  "C3'" "O3'"  sing N N 57  
DA  "C3'" "C2'"  sing N N 58  
DA  "C3'" "H3'"  sing N N 59  
DA  "O3'" "HO3'" sing N N 60  
DA  "C2'" "C1'"  sing N N 61  
DA  "C2'" "H2'"  sing N N 62  
DA  "C2'" "H2''" sing N N 63  
DA  "C1'" N9     sing N N 64  
DA  "C1'" "H1'"  sing N N 65  
DA  N9    C8     sing Y N 66  
DA  N9    C4     sing Y N 67  
DA  C8    N7     doub Y N 68  
DA  C8    H8     sing N N 69  
DA  N7    C5     sing Y N 70  
DA  C5    C6     sing Y N 71  
DA  C5    C4     doub Y N 72  
DA  C6    N6     sing N N 73  
DA  C6    N1     doub Y N 74  
DA  N6    H61    sing N N 75  
DA  N6    H62    sing N N 76  
DA  N1    C2     sing Y N 77  
DA  C2    N3     doub Y N 78  
DA  C2    H2     sing N N 79  
DA  N3    C4     sing Y N 80  
DC  OP3   P      sing N N 81  
DC  OP3   HOP3   sing N N 82  
DC  P     OP1    doub N N 83  
DC  P     OP2    sing N N 84  
DC  P     "O5'"  sing N N 85  
DC  OP2   HOP2   sing N N 86  
DC  "O5'" "C5'"  sing N N 87  
DC  "C5'" "C4'"  sing N N 88  
DC  "C5'" "H5'"  sing N N 89  
DC  "C5'" "H5''" sing N N 90  
DC  "C4'" "O4'"  sing N N 91  
DC  "C4'" "C3'"  sing N N 92  
DC  "C4'" "H4'"  sing N N 93  
DC  "O4'" "C1'"  sing N N 94  
DC  "C3'" "O3'"  sing N N 95  
DC  "C3'" "C2'"  sing N N 96  
DC  "C3'" "H3'"  sing N N 97  
DC  "O3'" "HO3'" sing N N 98  
DC  "C2'" "C1'"  sing N N 99  
DC  "C2'" "H2'"  sing N N 100 
DC  "C2'" "H2''" sing N N 101 
DC  "C1'" N1     sing N N 102 
DC  "C1'" "H1'"  sing N N 103 
DC  N1    C2     sing N N 104 
DC  N1    C6     sing N N 105 
DC  C2    O2     doub N N 106 
DC  C2    N3     sing N N 107 
DC  N3    C4     doub N N 108 
DC  C4    N4     sing N N 109 
DC  C4    C5     sing N N 110 
DC  N4    H41    sing N N 111 
DC  N4    H42    sing N N 112 
DC  C5    C6     doub N N 113 
DC  C5    H5     sing N N 114 
DC  C6    H6     sing N N 115 
DG  OP3   P      sing N N 116 
DG  OP3   HOP3   sing N N 117 
DG  P     OP1    doub N N 118 
DG  P     OP2    sing N N 119 
DG  P     "O5'"  sing N N 120 
DG  OP2   HOP2   sing N N 121 
DG  "O5'" "C5'"  sing N N 122 
DG  "C5'" "C4'"  sing N N 123 
DG  "C5'" "H5'"  sing N N 124 
DG  "C5'" "H5''" sing N N 125 
DG  "C4'" "O4'"  sing N N 126 
DG  "C4'" "C3'"  sing N N 127 
DG  "C4'" "H4'"  sing N N 128 
DG  "O4'" "C1'"  sing N N 129 
DG  "C3'" "O3'"  sing N N 130 
DG  "C3'" "C2'"  sing N N 131 
DG  "C3'" "H3'"  sing N N 132 
DG  "O3'" "HO3'" sing N N 133 
DG  "C2'" "C1'"  sing N N 134 
DG  "C2'" "H2'"  sing N N 135 
DG  "C2'" "H2''" sing N N 136 
DG  "C1'" N9     sing N N 137 
DG  "C1'" "H1'"  sing N N 138 
DG  N9    C8     sing Y N 139 
DG  N9    C4     sing Y N 140 
DG  C8    N7     doub Y N 141 
DG  C8    H8     sing N N 142 
DG  N7    C5     sing Y N 143 
DG  C5    C6     sing N N 144 
DG  C5    C4     doub Y N 145 
DG  C6    O6     doub N N 146 
DG  C6    N1     sing N N 147 
DG  N1    C2     sing N N 148 
DG  N1    H1     sing N N 149 
DG  C2    N2     sing N N 150 
DG  C2    N3     doub N N 151 
DG  N2    H21    sing N N 152 
DG  N2    H22    sing N N 153 
DG  N3    C4     sing N N 154 
DT  OP3   P      sing N N 155 
DT  OP3   HOP3   sing N N 156 
DT  P     OP1    doub N N 157 
DT  P     OP2    sing N N 158 
DT  P     "O5'"  sing N N 159 
DT  OP2   HOP2   sing N N 160 
DT  "O5'" "C5'"  sing N N 161 
DT  "C5'" "C4'"  sing N N 162 
DT  "C5'" "H5'"  sing N N 163 
DT  "C5'" "H5''" sing N N 164 
DT  "C4'" "O4'"  sing N N 165 
DT  "C4'" "C3'"  sing N N 166 
DT  "C4'" "H4'"  sing N N 167 
DT  "O4'" "C1'"  sing N N 168 
DT  "C3'" "O3'"  sing N N 169 
DT  "C3'" "C2'"  sing N N 170 
DT  "C3'" "H3'"  sing N N 171 
DT  "O3'" "HO3'" sing N N 172 
DT  "C2'" "C1'"  sing N N 173 
DT  "C2'" "H2'"  sing N N 174 
DT  "C2'" "H2''" sing N N 175 
DT  "C1'" N1     sing N N 176 
DT  "C1'" "H1'"  sing N N 177 
DT  N1    C2     sing N N 178 
DT  N1    C6     sing N N 179 
DT  C2    O2     doub N N 180 
DT  C2    N3     sing N N 181 
DT  N3    C4     sing N N 182 
DT  N3    H3     sing N N 183 
DT  C4    O4     doub N N 184 
DT  C4    C5     sing N N 185 
DT  C5    C7     sing N N 186 
DT  C5    C6     doub N N 187 
DT  C7    H71    sing N N 188 
DT  C7    H72    sing N N 189 
DT  C7    H73    sing N N 190 
DT  C6    H6     sing N N 191 
HOH O     H1     sing N N 192 
HOH O     H2     sing N N 193 
# 
_ndb_struct_conf_na.entry_id   168D 
_ndb_struct_conf_na.feature    'a-form double helix' 
# 
loop_
_ndb_struct_na_base_pair.model_number 
_ndb_struct_na_base_pair.i_label_asym_id 
_ndb_struct_na_base_pair.i_label_comp_id 
_ndb_struct_na_base_pair.i_label_seq_id 
_ndb_struct_na_base_pair.i_symmetry 
_ndb_struct_na_base_pair.j_label_asym_id 
_ndb_struct_na_base_pair.j_label_comp_id 
_ndb_struct_na_base_pair.j_label_seq_id 
_ndb_struct_na_base_pair.j_symmetry 
_ndb_struct_na_base_pair.shear 
_ndb_struct_na_base_pair.stretch 
_ndb_struct_na_base_pair.stagger 
_ndb_struct_na_base_pair.buckle 
_ndb_struct_na_base_pair.propeller 
_ndb_struct_na_base_pair.opening 
_ndb_struct_na_base_pair.pair_number 
_ndb_struct_na_base_pair.pair_name 
_ndb_struct_na_base_pair.i_auth_asym_id 
_ndb_struct_na_base_pair.i_auth_seq_id 
_ndb_struct_na_base_pair.i_PDB_ins_code 
_ndb_struct_na_base_pair.j_auth_asym_id 
_ndb_struct_na_base_pair.j_auth_seq_id 
_ndb_struct_na_base_pair.j_PDB_ins_code 
_ndb_struct_na_base_pair.hbond_type_28 
_ndb_struct_na_base_pair.hbond_type_12 
1 A DG  1  1_555 B DC  10 1_555 -0.472 -0.250 0.129  0.654  -2.943  -1.608 1  A_DG1:DC20_B  A 1  ? B 20 ? 19 1 
1 A DC  2  1_555 B DG  9  1_555 0.107  0.008  -0.092 10.693 -13.014 2.693  2  A_DC2:DG19_B  A 2  ? B 19 ? 19 1 
1 A DG  3  1_555 B DC  8  1_555 -0.497 -0.048 0.044  -8.249 -16.163 1.334  3  A_DG3:DC18_B  A 3  ? B 18 ? 19 1 
1 A DT  4  1_555 B DA  7  1_555 -0.530 -0.219 -0.118 -5.044 -14.762 5.174  4  A_DT4:DA17_B  A 4  ? B 17 ? 20 1 
1 A A2M 5  1_555 B DT  6  1_555 -0.230 -0.051 0.094  -2.023 -15.161 2.756  5  A_A2M5:DT16_B A 5  ? B 16 ? 20 1 
1 A DT  6  1_555 B A2M 5  1_555 -0.245 -0.023 0.182  5.957  -10.759 2.184  6  A_DT6:A2M15_B A 6  ? B 15 ? 20 1 
1 A DA  7  1_555 B DT  4  1_555 -0.132 -0.181 -0.114 6.294  -12.321 4.228  7  A_DA7:DT14_B  A 7  ? B 14 ? 20 1 
1 A DC  8  1_555 B DG  3  1_555 0.318  -0.088 -0.079 12.068 -15.036 0.953  8  A_DC8:DG13_B  A 8  ? B 13 ? 19 1 
1 A DG  9  1_555 B DC  2  1_555 -0.054 -0.097 0.230  -2.604 -7.150  -0.682 9  A_DG9:DC12_B  A 9  ? B 12 ? 19 1 
1 A DC  10 1_555 B DG  1  1_555 0.338  -0.113 0.108  2.205  6.118   -1.133 10 A_DC10:DG11_B A 10 ? B 11 ? 19 1 
# 
loop_
_ndb_struct_na_base_pair_step.model_number 
_ndb_struct_na_base_pair_step.i_label_asym_id_1 
_ndb_struct_na_base_pair_step.i_label_comp_id_1 
_ndb_struct_na_base_pair_step.i_label_seq_id_1 
_ndb_struct_na_base_pair_step.i_symmetry_1 
_ndb_struct_na_base_pair_step.j_label_asym_id_1 
_ndb_struct_na_base_pair_step.j_label_comp_id_1 
_ndb_struct_na_base_pair_step.j_label_seq_id_1 
_ndb_struct_na_base_pair_step.j_symmetry_1 
_ndb_struct_na_base_pair_step.i_label_asym_id_2 
_ndb_struct_na_base_pair_step.i_label_comp_id_2 
_ndb_struct_na_base_pair_step.i_label_seq_id_2 
_ndb_struct_na_base_pair_step.i_symmetry_2 
_ndb_struct_na_base_pair_step.j_label_asym_id_2 
_ndb_struct_na_base_pair_step.j_label_comp_id_2 
_ndb_struct_na_base_pair_step.j_label_seq_id_2 
_ndb_struct_na_base_pair_step.j_symmetry_2 
_ndb_struct_na_base_pair_step.shift 
_ndb_struct_na_base_pair_step.slide 
_ndb_struct_na_base_pair_step.rise 
_ndb_struct_na_base_pair_step.tilt 
_ndb_struct_na_base_pair_step.roll 
_ndb_struct_na_base_pair_step.twist 
_ndb_struct_na_base_pair_step.x_displacement 
_ndb_struct_na_base_pair_step.y_displacement 
_ndb_struct_na_base_pair_step.helical_rise 
_ndb_struct_na_base_pair_step.inclination 
_ndb_struct_na_base_pair_step.tip 
_ndb_struct_na_base_pair_step.helical_twist 
_ndb_struct_na_base_pair_step.step_number 
_ndb_struct_na_base_pair_step.step_name 
_ndb_struct_na_base_pair_step.i_auth_asym_id_1 
_ndb_struct_na_base_pair_step.i_auth_seq_id_1 
_ndb_struct_na_base_pair_step.i_PDB_ins_code_1 
_ndb_struct_na_base_pair_step.j_auth_asym_id_1 
_ndb_struct_na_base_pair_step.j_auth_seq_id_1 
_ndb_struct_na_base_pair_step.j_PDB_ins_code_1 
_ndb_struct_na_base_pair_step.i_auth_asym_id_2 
_ndb_struct_na_base_pair_step.i_auth_seq_id_2 
_ndb_struct_na_base_pair_step.i_PDB_ins_code_2 
_ndb_struct_na_base_pair_step.j_auth_asym_id_2 
_ndb_struct_na_base_pair_step.j_auth_seq_id_2 
_ndb_struct_na_base_pair_step.j_PDB_ins_code_2 
1 A DG  1 1_555 B DC  10 1_555 A DC  2  1_555 B DG  9 1_555 0.474  -1.260 3.160 2.689  0.857  34.512 -2.244 -0.396 3.155 1.442  
-4.523 34.624 1 AA_DG1DC2:DG19DC20_BB   A 1 ? B 20 ? A 2  ? B 19 ? 
1 A DC  2 1_555 B DG  9  1_555 A DG  3  1_555 B DC  8 1_555 -0.117 -1.877 3.717 -2.857 11.059 31.035 -5.260 -0.300 2.896 19.845 
5.126  33.022 2 AA_DC2DG3:DC18DG19_BB   A 2 ? B 19 ? A 3  ? B 18 ? 
1 A DG  3 1_555 B DC  8  1_555 A DT  4  1_555 B DA  7 1_555 -0.924 -1.431 3.177 -0.170 4.088  30.818 -3.411 1.694  2.972 7.650  
0.318  31.081 3 AA_DG3DT4:DA17DC18_BB   A 3 ? B 18 ? A 4  ? B 17 ? 
1 A DT  4 1_555 B DA  7  1_555 A A2M 5  1_555 B DT  6 1_555 0.945  -1.273 3.288 1.020  16.797 28.749 -4.794 -1.496 2.253 30.731 
-1.866 33.222 4 AA_DT4A2M5:DT16DA17_BB  A 4 ? B 17 ? A 5  ? B 16 ? 
1 A A2M 5 1_555 B DT  6  1_555 A DT  6  1_555 B A2M 5 1_555 -0.226 -1.324 3.304 -0.218 11.418 30.474 -4.248 0.368  2.650 20.827 
0.398  32.496 5 AA_A2M5DT6:A2M15DT16_BB A 5 ? B 16 ? A 6  ? B 15 ? 
1 A DT  6 1_555 B A2M 5  1_555 A DA  7  1_555 B DT  4 1_555 0.099  -1.408 3.278 1.066  13.144 30.210 -4.548 -0.008 2.470 23.842 
-1.934 32.901 6 AA_DT6DA7:DT14A2M15_BB  A 6 ? B 15 ? A 7  ? B 14 ? 
1 A DA  7 1_555 B DT  4  1_555 A DC  8  1_555 B DG  3 1_555 0.297  -1.617 3.322 0.772  4.975  29.933 -4.067 -0.416 3.026 9.546  
-1.481 30.344 7 AA_DA7DC8:DG13DT14_BB   A 7 ? B 14 ? A 8  ? B 13 ? 
1 A DC  8 1_555 B DG  3  1_555 A DG  9  1_555 B DC  2 1_555 -0.280 -1.983 3.564 -2.663 12.423 32.361 -5.204 0.066  2.660 21.294 
4.565  34.704 8 AA_DC8DG9:DC12DG13_BB   A 8 ? B 13 ? A 9  ? B 12 ? 
1 A DG  9 1_555 B DC  2  1_555 A DC  10 1_555 B DG  1 1_555 -0.015 -1.847 3.344 1.299  2.614  32.586 -3.732 0.251  3.187 4.646  
-2.309 32.713 9 AA_DG9DC10:DG11DC12_BB  A 9 ? B 12 ? A 10 ? B 11 ? 
# 
_atom_sites.entry_id                    168D 
_atom_sites.fract_transf_matrix[1][1]   -0.00739346 
_atom_sites.fract_transf_matrix[1][2]   0.01477049 
_atom_sites.fract_transf_matrix[1][3]   -0.03620293 
_atom_sites.fract_transf_matrix[2][1]   0.00470150 
_atom_sites.fract_transf_matrix[2][2]   0.02012892 
_atom_sites.fract_transf_matrix[2][3]   0.00725228 
_atom_sites.fract_transf_matrix[3][1]   0.02016391 
_atom_sites.fract_transf_matrix[3][2]   -0.00281258 
_atom_sites.fract_transf_matrix[3][3]   -0.00526544 
_atom_sites.fract_transf_vector[1]      0.130525 
_atom_sites.fract_transf_vector[2]      0.007942 
_atom_sites.fract_transf_vector[3]      0.287980 
# 
loop_
_atom_type.symbol 
C 
N 
O 
P 
# 
loop_
_atom_site.group_PDB 
_atom_site.id 
_atom_site.type_symbol 
_atom_site.label_atom_id 
_atom_site.label_alt_id 
_atom_site.label_comp_id 
_atom_site.label_asym_id 
_atom_site.label_entity_id 
_atom_site.label_seq_id 
_atom_site.pdbx_PDB_ins_code 
_atom_site.Cartn_x 
_atom_site.Cartn_y 
_atom_site.Cartn_z 
_atom_site.occupancy 
_atom_site.B_iso_or_equiv 
_atom_site.pdbx_formal_charge 
_atom_site.auth_seq_id 
_atom_site.auth_comp_id 
_atom_site.auth_asym_id 
_atom_site.auth_atom_id 
_atom_site.pdbx_PDB_model_num 
ATOM   1   O "O5'" . DG  A 1 1  ? -8.865  9.025   -3.773  1.00 32.66 ? 1  DG  A "O5'" 1 
ATOM   2   C "C5'" . DG  A 1 1  ? -9.158  9.095   -2.391  1.00 32.01 ? 1  DG  A "C5'" 1 
ATOM   3   C "C4'" . DG  A 1 1  ? -10.374 8.324   -1.893  1.00 31.52 ? 1  DG  A "C4'" 1 
ATOM   4   O "O4'" . DG  A 1 1  ? -11.290 7.932   -2.927  1.00 31.01 ? 1  DG  A "O4'" 1 
ATOM   5   C "C3'" . DG  A 1 1  ? -10.091 7.001   -1.105  1.00 31.24 ? 1  DG  A "C3'" 1 
ATOM   6   O "O3'" . DG  A 1 1  ? -9.731  7.330   0.196   1.00 31.67 ? 1  DG  A "O3'" 1 
ATOM   7   C "C2'" . DG  A 1 1  ? -11.392 6.243   -1.222  1.00 30.46 ? 1  DG  A "C2'" 1 
ATOM   8   C "C1'" . DG  A 1 1  ? -11.806 6.592   -2.676  1.00 29.69 ? 1  DG  A "C1'" 1 
ATOM   9   N N9    . DG  A 1 1  ? -11.348 5.678   -3.661  1.00 28.78 ? 1  DG  A N9    1 
ATOM   10  C C8    . DG  A 1 1  ? -10.480 5.883   -4.649  1.00 28.30 ? 1  DG  A C8    1 
ATOM   11  N N7    . DG  A 1 1  ? -10.282 4.842   -5.436  1.00 28.09 ? 1  DG  A N7    1 
ATOM   12  C C5    . DG  A 1 1  ? -11.091 3.906   -4.881  1.00 28.11 ? 1  DG  A C5    1 
ATOM   13  C C6    . DG  A 1 1  ? -11.354 2.551   -5.250  1.00 27.84 ? 1  DG  A C6    1 
ATOM   14  O O6    . DG  A 1 1  ? -10.788 2.050   -6.249  1.00 27.99 ? 1  DG  A O6    1 
ATOM   15  N N1    . DG  A 1 1  ? -12.223 1.867   -4.520  1.00 27.52 ? 1  DG  A N1    1 
ATOM   16  C C2    . DG  A 1 1  ? -12.824 2.456   -3.480  1.00 27.66 ? 1  DG  A C2    1 
ATOM   17  N N2    . DG  A 1 1  ? -13.652 1.878   -2.770  1.00 27.49 ? 1  DG  A N2    1 
ATOM   18  N N3    . DG  A 1 1  ? -12.665 3.705   -3.015  1.00 28.07 ? 1  DG  A N3    1 
ATOM   19  C C4    . DG  A 1 1  ? -11.777 4.368   -3.792  1.00 28.17 ? 1  DG  A C4    1 
ATOM   20  P P     . DC  A 1 2  ? -8.499  6.700   0.946   1.00 32.07 ? 2  DC  A P     1 
ATOM   21  O OP1   . DC  A 1 2  ? -8.439  7.502   2.122   1.00 32.48 ? 2  DC  A OP1   1 
ATOM   22  O OP2   . DC  A 1 2  ? -7.424  6.592   -0.048  1.00 32.21 ? 2  DC  A OP2   1 
ATOM   23  O "O5'" . DC  A 1 2  ? -8.794  5.255   1.697   1.00 30.81 ? 2  DC  A "O5'" 1 
ATOM   24  C "C5'" . DC  A 1 2  ? -10.064 5.159   2.253   1.00 28.32 ? 2  DC  A "C5'" 1 
ATOM   25  C "C4'" . DC  A 1 2  ? -10.733 3.829   2.058   1.00 26.26 ? 2  DC  A "C4'" 1 
ATOM   26  O "O4'" . DC  A 1 2  ? -11.202 3.663   0.718   1.00 25.14 ? 2  DC  A "O4'" 1 
ATOM   27  C "C3'" . DC  A 1 2  ? -9.840  2.604   2.244   1.00 25.94 ? 2  DC  A "C3'" 1 
ATOM   28  O "O3'" . DC  A 1 2  ? -9.684  2.388   3.609   1.00 26.81 ? 2  DC  A "O3'" 1 
ATOM   29  C "C2'" . DC  A 1 2  ? -10.670 1.511   1.570   1.00 25.10 ? 2  DC  A "C2'" 1 
ATOM   30  C "C1'" . DC  A 1 2  ? -11.190 2.304   0.349   1.00 23.91 ? 2  DC  A "C1'" 1 
ATOM   31  N N1    . DC  A 1 2  ? -10.265 2.195   -0.835  1.00 23.40 ? 2  DC  A N1    1 
ATOM   32  C C2    . DC  A 1 2  ? -10.421 1.063   -1.583  1.00 22.75 ? 2  DC  A C2    1 
ATOM   33  O O2    . DC  A 1 2  ? -11.216 0.187   -1.341  1.00 22.58 ? 2  DC  A O2    1 
ATOM   34  N N3    . DC  A 1 2  ? -9.619  0.938   -2.690  1.00 22.73 ? 2  DC  A N3    1 
ATOM   35  C C4    . DC  A 1 2  ? -8.670  1.876   -3.075  1.00 22.57 ? 2  DC  A C4    1 
ATOM   36  N N4    . DC  A 1 2  ? -7.943  1.605   -4.201  1.00 22.33 ? 2  DC  A N4    1 
ATOM   37  C C5    . DC  A 1 2  ? -8.546  3.022   -2.257  1.00 22.68 ? 2  DC  A C5    1 
ATOM   38  C C6    . DC  A 1 2  ? -9.330  3.148   -1.193  1.00 22.70 ? 2  DC  A C6    1 
ATOM   39  P P     . DG  A 1 3  ? -8.518  1.386   4.035   1.00 27.59 ? 3  DG  A P     1 
ATOM   40  O OP1   . DG  A 1 3  ? -8.644  1.208   5.418   1.00 27.94 ? 3  DG  A OP1   1 
ATOM   41  O OP2   . DG  A 1 3  ? -7.331  1.913   3.324   1.00 27.90 ? 3  DG  A OP2   1 
ATOM   42  O "O5'" . DG  A 1 3  ? -8.834  -0.156  3.557   1.00 26.35 ? 3  DG  A "O5'" 1 
ATOM   43  C "C5'" . DG  A 1 3  ? -9.711  -0.964  4.278   1.00 24.50 ? 3  DG  A "C5'" 1 
ATOM   44  C "C4'" . DG  A 1 3  ? -9.881  -2.206  3.379   1.00 23.28 ? 3  DG  A "C4'" 1 
ATOM   45  O "O4'" . DG  A 1 3  ? -9.975  -1.737  2.028   1.00 22.45 ? 3  DG  A "O4'" 1 
ATOM   46  C "C3'" . DG  A 1 3  ? -8.687  -3.170  3.225   1.00 23.34 ? 3  DG  A "C3'" 1 
ATOM   47  O "O3'" . DG  A 1 3  ? -8.624  -3.997  4.307   1.00 24.69 ? 3  DG  A "O3'" 1 
ATOM   48  C "C2'" . DG  A 1 3  ? -9.022  -3.965  1.953   1.00 21.98 ? 3  DG  A "C2'" 1 
ATOM   49  C "C1'" . DG  A 1 3  ? -9.522  -2.812  1.109   1.00 20.69 ? 3  DG  A "C1'" 1 
ATOM   50  N N9    . DG  A 1 3  ? -8.585  -2.240  0.218   1.00 19.79 ? 3  DG  A N9    1 
ATOM   51  C C8    . DG  A 1 3  ? -8.136  -0.972  0.204   1.00 18.98 ? 3  DG  A C8    1 
ATOM   52  N N7    . DG  A 1 3  ? -7.286  -0.724  -0.774  1.00 19.01 ? 3  DG  A N7    1 
ATOM   53  C C5    . DG  A 1 3  ? -7.208  -1.924  -1.435  1.00 18.88 ? 3  DG  A C5    1 
ATOM   54  C C6    . DG  A 1 3  ? -6.461  -2.328  -2.582  1.00 18.43 ? 3  DG  A C6    1 
ATOM   55  O O6    . DG  A 1 3  ? -5.708  -1.554  -3.233  1.00 18.21 ? 3  DG  A O6    1 
ATOM   56  N N1    . DG  A 1 3  ? -6.592  -3.595  -2.991  1.00 18.33 ? 3  DG  A N1    1 
ATOM   57  C C2    . DG  A 1 3  ? -7.393  -4.434  -2.306  1.00 18.27 ? 3  DG  A C2    1 
ATOM   58  N N2    . DG  A 1 3  ? -7.516  -5.626  -2.632  1.00 17.86 ? 3  DG  A N2    1 
ATOM   59  N N3    . DG  A 1 3  ? -8.128  -4.178  -1.218  1.00 18.78 ? 3  DG  A N3    1 
ATOM   60  C C4    . DG  A 1 3  ? -7.973  -2.892  -0.849  1.00 18.83 ? 3  DG  A C4    1 
ATOM   61  P P     . DT  A 1 4  ? -7.313  -4.715  4.793   1.00 25.50 ? 4  DT  A P     1 
ATOM   62  O OP1   . DT  A 1 4  ? -7.771  -5.340  6.055   1.00 26.24 ? 4  DT  A OP1   1 
ATOM   63  O OP2   . DT  A 1 4  ? -6.282  -3.764  4.761   1.00 25.44 ? 4  DT  A OP2   1 
ATOM   64  O "O5'" . DT  A 1 4  ? -6.770  -5.797  3.702   1.00 25.16 ? 4  DT  A "O5'" 1 
ATOM   65  C "C5'" . DT  A 1 4  ? -7.834  -6.690  3.352   1.00 24.38 ? 4  DT  A "C5'" 1 
ATOM   66  C "C4'" . DT  A 1 4  ? -7.227  -7.818  2.513   1.00 23.83 ? 4  DT  A "C4'" 1 
ATOM   67  O "O4'" . DT  A 1 4  ? -7.261  -7.422  1.120   1.00 23.09 ? 4  DT  A "O4'" 1 
ATOM   68  C "C3'" . DT  A 1 4  ? -5.732  -8.164  2.772   1.00 24.00 ? 4  DT  A "C3'" 1 
ATOM   69  O "O3'" . DT  A 1 4  ? -5.569  -8.999  3.875   1.00 25.15 ? 4  DT  A "O3'" 1 
ATOM   70  C "C2'" . DT  A 1 4  ? -5.367  -8.858  1.440   1.00 22.96 ? 4  DT  A "C2'" 1 
ATOM   71  C "C1'" . DT  A 1 4  ? -6.051  -7.899  0.467   1.00 21.54 ? 4  DT  A "C1'" 1 
ATOM   72  N N1    . DT  A 1 4  ? -5.370  -6.603  0.098   1.00 20.48 ? 4  DT  A N1    1 
ATOM   73  C C2    . DT  A 1 4  ? -4.659  -6.643  -1.077  1.00 19.66 ? 4  DT  A C2    1 
ATOM   74  O O2    . DT  A 1 4  ? -4.533  -7.643  -1.755  1.00 19.68 ? 4  DT  A O2    1 
ATOM   75  N N3    . DT  A 1 4  ? -4.095  -5.467  -1.489  1.00 19.23 ? 4  DT  A N3    1 
ATOM   76  C C4    . DT  A 1 4  ? -4.179  -4.285  -0.787  1.00 19.29 ? 4  DT  A C4    1 
ATOM   77  O O4    . DT  A 1 4  ? -3.591  -3.298  -1.279  1.00 19.34 ? 4  DT  A O4    1 
ATOM   78  C C5    . DT  A 1 4  ? -4.913  -4.287  0.433   1.00 19.46 ? 4  DT  A C5    1 
ATOM   79  C C7    . DT  A 1 4  ? -5.059  -3.050  1.272   1.00 19.17 ? 4  DT  A C7    1 
ATOM   80  C C6    . DT  A 1 4  ? -5.483  -5.434  0.826   1.00 19.77 ? 4  DT  A C6    1 
HETATM 81  P P     . A2M A 1 5  ? -4.260  -9.217  4.752   1.00 25.98 ? 5  A2M A P     1 
HETATM 82  O OP1   . A2M A 1 5  ? -4.568  -10.390 5.480   1.00 25.61 ? 5  A2M A OP1   1 
HETATM 83  O "O5'" . A2M A 1 5  ? -3.009  -9.802  3.849   1.00 25.24 ? 5  A2M A "O5'" 1 
HETATM 84  C "C5'" . A2M A 1 5  ? -1.885  -8.993  3.686   1.00 23.98 ? 5  A2M A "C5'" 1 
HETATM 85  C "C4'" . A2M A 1 5  ? -1.075  -9.426  2.436   1.00 23.02 ? 5  A2M A "C4'" 1 
HETATM 86  O "O4'" . A2M A 1 5  ? -1.676  -8.887  1.257   1.00 22.12 ? 5  A2M A "O4'" 1 
HETATM 87  C "C3'" . A2M A 1 5  ? 0.345   -8.751  2.431   1.00 23.10 ? 5  A2M A "C3'" 1 
HETATM 88  O "O3'" . A2M A 1 5  ? 1.156   -9.487  3.236   1.00 24.58 ? 5  A2M A "O3'" 1 
HETATM 89  C "C2'" . A2M A 1 5  ? 0.707   -8.635  0.992   1.00 22.24 ? 5  A2M A "C2'" 1 
HETATM 90  O "O2'" . A2M A 1 5  ? 1.114   -9.874  0.448   1.00 22.52 ? 5  A2M A "O2'" 1 
HETATM 91  C "C1'" . A2M A 1 5  ? -0.714  -8.311  0.378   1.00 20.90 ? 5  A2M A "C1'" 1 
HETATM 92  C "CM'" . A2M A 1 5  ? 1.320   -9.837  -0.964  1.00 22.31 ? 5  A2M A "CM'" 1 
HETATM 93  N N9    . A2M A 1 5  ? -0.762  -6.894  0.328   1.00 19.77 ? 5  A2M A N9    1 
HETATM 94  C C8    . A2M A 1 5  ? -1.315  -6.032  1.189   1.00 19.16 ? 5  A2M A C8    1 
HETATM 95  N N7    . A2M A 1 5  ? -1.190  -4.775  0.832   1.00 19.00 ? 5  A2M A N7    1 
HETATM 96  C C5    . A2M A 1 5  ? -0.532  -4.846  -0.352  1.00 18.94 ? 5  A2M A C5    1 
HETATM 97  C C6    . A2M A 1 5  ? -0.072  -3.840  -1.251  1.00 19.02 ? 5  A2M A C6    1 
HETATM 98  N N6    . A2M A 1 5  ? -0.270  -2.506  -1.062  1.00 19.21 ? 5  A2M A N6    1 
HETATM 99  N N1    . A2M A 1 5  ? 0.606   -4.236  -2.338  1.00 19.13 ? 5  A2M A N1    1 
HETATM 100 C C2    . A2M A 1 5  ? 0.798   -5.548  -2.545  1.00 18.88 ? 5  A2M A C2    1 
HETATM 101 N N3    . A2M A 1 5  ? 0.422   -6.577  -1.789  1.00 19.30 ? 5  A2M A N3    1 
HETATM 102 C C4    . A2M A 1 5  ? -0.234  -6.131  -0.691  1.00 19.09 ? 5  A2M A C4    1 
HETATM 103 O OP2   . A2M A 1 5  ? -3.932  -7.915  5.353   1.00 26.10 ? 5  A2M A OP2   1 
ATOM   104 P P     . DT  A 1 6  ? 2.348   -8.968  4.133   1.00 25.59 ? 6  DT  A P     1 
ATOM   105 O OP1   . DT  A 1 6  ? 2.853   -10.178 4.684   1.00 25.82 ? 6  DT  A OP1   1 
ATOM   106 O OP2   . DT  A 1 6  ? 1.830   -7.900  5.013   1.00 25.87 ? 6  DT  A OP2   1 
ATOM   107 O "O5'" . DT  A 1 6  ? 3.652   -8.556  3.275   1.00 25.53 ? 6  DT  A "O5'" 1 
ATOM   108 C "C5'" . DT  A 1 6  ? 4.055   -9.517  2.321   1.00 25.19 ? 6  DT  A "C5'" 1 
ATOM   109 C "C4'" . DT  A 1 6  ? 5.070   -8.997  1.326   1.00 24.90 ? 6  DT  A "C4'" 1 
ATOM   110 O "O4'" . DT  A 1 6  ? 4.410   -8.440  0.153   1.00 24.60 ? 6  DT  A "O4'" 1 
ATOM   111 C "C3'" . DT  A 1 6  ? 6.070   -7.880  1.781   1.00 25.14 ? 6  DT  A "C3'" 1 
ATOM   112 O "O3'" . DT  A 1 6  ? 7.111   -8.433  2.570   1.00 25.59 ? 6  DT  A "O3'" 1 
ATOM   113 C "C2'" . DT  A 1 6  ? 6.489   -7.348  0.409   1.00 24.54 ? 6  DT  A "C2'" 1 
ATOM   114 C "C1'" . DT  A 1 6  ? 5.114   -7.319  -0.339  1.00 23.52 ? 6  DT  A "C1'" 1 
ATOM   115 N N1    . DT  A 1 6  ? 4.337   -6.084  0.075   1.00 22.89 ? 6  DT  A N1    1 
ATOM   116 C C2    . DT  A 1 6  ? 4.493   -5.001  -0.748  1.00 22.69 ? 6  DT  A C2    1 
ATOM   117 O O2    . DT  A 1 6  ? 5.201   -4.990  -1.751  1.00 22.81 ? 6  DT  A O2    1 
ATOM   118 N N3    . DT  A 1 6  ? 3.784   -3.882  -0.395  1.00 22.17 ? 6  DT  A N3    1 
ATOM   119 C C4    . DT  A 1 6  ? 2.970   -3.791  0.719   1.00 22.13 ? 6  DT  A C4    1 
ATOM   120 O O4    . DT  A 1 6  ? 2.401   -2.686  0.911   1.00 21.96 ? 6  DT  A O4    1 
ATOM   121 C C5    . DT  A 1 6  ? 2.834   -4.946  1.533   1.00 22.20 ? 6  DT  A C5    1 
ATOM   122 C C7    . DT  A 1 6  ? 1.964   -4.973  2.756   1.00 21.84 ? 6  DT  A C7    1 
ATOM   123 C C6    . DT  A 1 6  ? 3.527   -6.027  1.181   1.00 22.36 ? 6  DT  A C6    1 
ATOM   124 P P     . DA  A 1 7  ? 8.099   -7.626  3.472   1.00 26.19 ? 7  DA  A P     1 
ATOM   125 O OP1   . DA  A 1 7  ? 9.079   -8.578  3.899   1.00 26.39 ? 7  DA  A OP1   1 
ATOM   126 O OP2   . DA  A 1 7  ? 7.342   -6.820  4.436   1.00 26.05 ? 7  DA  A OP2   1 
ATOM   127 O "O5'" . DA  A 1 7  ? 9.101   -6.641  2.623   1.00 25.69 ? 7  DA  A "O5'" 1 
ATOM   128 C "C5'" . DA  A 1 7  ? 9.645   -6.924  1.393   1.00 23.94 ? 7  DA  A "C5'" 1 
ATOM   129 C "C4'" . DA  A 1 7  ? 10.092  -5.621  0.756   1.00 23.01 ? 7  DA  A "C4'" 1 
ATOM   130 O "O4'" . DA  A 1 7  ? 8.974   -5.080  0.029   1.00 22.33 ? 7  DA  A "O4'" 1 
ATOM   131 C "C3'" . DA  A 1 7  ? 10.435  -4.387  1.658   1.00 23.03 ? 7  DA  A "C3'" 1 
ATOM   132 O "O3'" . DA  A 1 7  ? 11.677  -4.565  2.205   1.00 24.34 ? 7  DA  A "O3'" 1 
ATOM   133 C "C2'" . DA  A 1 7  ? 10.365  -3.242  0.665   1.00 22.02 ? 7  DA  A "C2'" 1 
ATOM   134 C "C1'" . DA  A 1 7  ? 9.099   -3.664  -0.146  1.00 21.22 ? 7  DA  A "C1'" 1 
ATOM   135 N N9    . DA  A 1 7  ? 7.963   -3.076  0.453   1.00 20.50 ? 7  DA  A N9    1 
ATOM   136 C C8    . DA  A 1 7  ? 7.214   -3.615  1.420   1.00 20.14 ? 7  DA  A C8    1 
ATOM   137 N N7    . DA  A 1 7  ? 6.219   -2.825  1.811   1.00 20.19 ? 7  DA  A N7    1 
ATOM   138 C C5    . DA  A 1 7  ? 6.351   -1.734  1.008   1.00 19.96 ? 7  DA  A C5    1 
ATOM   139 C C6    . DA  A 1 7  ? 5.605   -0.515  0.929   1.00 19.81 ? 7  DA  A C6    1 
ATOM   140 N N6    . DA  A 1 7  ? 4.507   -0.277  1.698   1.00 19.74 ? 7  DA  A N6    1 
ATOM   141 N N1    . DA  A 1 7  ? 6.004   0.395   0.033   1.00 19.60 ? 7  DA  A N1    1 
ATOM   142 C C2    . DA  A 1 7  ? 7.071   0.150   -0.731  1.00 19.66 ? 7  DA  A C2    1 
ATOM   143 N N3    . DA  A 1 7  ? 7.859   -0.933  -0.736  1.00 20.00 ? 7  DA  A N3    1 
ATOM   144 C C4    . DA  A 1 7  ? 7.423   -1.840  0.166   1.00 19.92 ? 7  DA  A C4    1 
ATOM   145 P P     . DC  A 1 8  ? 12.342  -3.772  3.396   1.00 25.09 ? 8  DC  A P     1 
ATOM   146 O OP1   . DC  A 1 8  ? 13.651  -4.313  3.468   1.00 25.51 ? 8  DC  A OP1   1 
ATOM   147 O OP2   . DC  A 1 8  ? 11.462  -3.886  4.567   1.00 25.23 ? 8  DC  A OP2   1 
ATOM   148 O "O5'" . DC  A 1 8  ? 12.636  -2.231  3.034   1.00 23.72 ? 8  DC  A "O5'" 1 
ATOM   149 C "C5'" . DC  A 1 8  ? 13.577  -1.596  2.447   1.00 22.03 ? 8  DC  A "C5'" 1 
ATOM   150 C "C4'" . DC  A 1 8  ? 13.055  -0.237  2.006   1.00 21.36 ? 8  DC  A "C4'" 1 
ATOM   151 O "O4'" . DC  A 1 8  ? 11.716  -0.298  1.531   1.00 20.90 ? 8  DC  A "O4'" 1 
ATOM   152 C "C3'" . DC  A 1 8  ? 12.845  0.868   3.073   1.00 21.33 ? 8  DC  A "C3'" 1 
ATOM   153 O "O3'" . DC  A 1 8  ? 14.110  1.158   3.522   1.00 21.57 ? 8  DC  A "O3'" 1 
ATOM   154 C "C2'" . DC  A 1 8  ? 12.102  1.901   2.216   1.00 20.81 ? 8  DC  A "C2'" 1 
ATOM   155 C "C1'" . DC  A 1 8  ? 11.065  0.937   1.513   1.00 20.32 ? 8  DC  A "C1'" 1 
ATOM   156 N N1    . DC  A 1 8  ? 9.799   0.761   2.328   1.00 20.29 ? 8  DC  A N1    1 
ATOM   157 C C2    . DC  A 1 8  ? 8.900   1.785   2.228   1.00 20.01 ? 8  DC  A C2    1 
ATOM   158 O O2    . DC  A 1 8  ? 9.049   2.790   1.550   1.00 19.90 ? 8  DC  A O2    1 
ATOM   159 N N3    . DC  A 1 8  ? 7.759   1.656   2.979   1.00 19.77 ? 8  DC  A N3    1 
ATOM   160 C C4    . DC  A 1 8  ? 7.497   0.608   3.837   1.00 19.76 ? 8  DC  A C4    1 
ATOM   161 N N4    . DC  A 1 8  ? 6.315   0.681   4.520   1.00 20.08 ? 8  DC  A N4    1 
ATOM   162 C C5    . DC  A 1 8  ? 8.454   -0.433  3.905   1.00 19.65 ? 8  DC  A C5    1 
ATOM   163 C C6    . DC  A 1 8  ? 9.550   -0.313  3.172   1.00 19.81 ? 8  DC  A C6    1 
ATOM   164 P P     . DG  A 1 9  ? 14.310  1.939   4.846   1.00 22.36 ? 9  DG  A P     1 
ATOM   165 O OP1   . DG  A 1 9  ? 15.690  2.144   4.936   1.00 23.30 ? 9  DG  A OP1   1 
ATOM   166 O OP2   . DG  A 1 9  ? 13.582  1.162   5.877   1.00 22.89 ? 9  DG  A OP2   1 
ATOM   167 O "O5'" . DG  A 1 9  ? 13.794  3.474   4.842   1.00 21.88 ? 9  DG  A "O5'" 1 
ATOM   168 C "C5'" . DG  A 1 9  ? 14.417  4.367   3.976   1.00 20.95 ? 9  DG  A "C5'" 1 
ATOM   169 C "C4'" . DG  A 1 9  ? 13.510  5.619   3.986   1.00 19.90 ? 9  DG  A "C4'" 1 
ATOM   170 O "O4'" . DG  A 1 9  ? 12.228  5.254   3.470   1.00 19.94 ? 9  DG  A "O4'" 1 
ATOM   171 C "C3'" . DG  A 1 9  ? 13.117  6.110   5.388   1.00 19.89 ? 9  DG  A "C3'" 1 
ATOM   172 O "O3'" . DG  A 1 9  ? 14.163  6.750   6.002   1.00 19.89 ? 9  DG  A "O3'" 1 
ATOM   173 C "C2'" . DG  A 1 9  ? 11.899  7.017   4.974   1.00 19.53 ? 9  DG  A "C2'" 1 
ATOM   174 C "C1'" . DG  A 1 9  ? 11.154  6.045   4.071   1.00 18.74 ? 9  DG  A "C1'" 1 
ATOM   175 N N9    . DG  A 1 9  ? 10.245  5.169   4.744   1.00 18.11 ? 9  DG  A N9    1 
ATOM   176 C C8    . DG  A 1 9  ? 10.343  3.872   4.953   1.00 17.57 ? 9  DG  A C8    1 
ATOM   177 N N7    . DG  A 1 9  ? 9.339   3.337   5.591   1.00 17.75 ? 9  DG  A N7    1 
ATOM   178 C C5    . DG  A 1 9  ? 8.502   4.397   5.791   1.00 17.64 ? 9  DG  A C5    1 
ATOM   179 C C6    . DG  A 1 9  ? 7.225   4.493   6.417   1.00 17.75 ? 9  DG  A C6    1 
ATOM   180 O O6    . DG  A 1 9  ? 6.599   3.537   6.963   1.00 17.96 ? 9  DG  A O6    1 
ATOM   181 N N1    . DG  A 1 9  ? 6.660   5.703   6.450   1.00 18.01 ? 9  DG  A N1    1 
ATOM   182 C C2    . DG  A 1 9  ? 7.325   6.759   5.917   1.00 17.79 ? 9  DG  A C2    1 
ATOM   183 N N2    . DG  A 1 9  ? 6.843   7.894   5.939   1.00 17.59 ? 9  DG  A N2    1 
ATOM   184 N N3    . DG  A 1 9  ? 8.495   6.793   5.297   1.00 17.61 ? 9  DG  A N3    1 
ATOM   185 C C4    . DG  A 1 9  ? 9.016   5.540   5.279   1.00 17.77 ? 9  DG  A C4    1 
ATOM   186 P P     . DC  A 1 10 ? 14.303  6.955   7.564   1.00 20.09 ? 10 DC  A P     1 
ATOM   187 O OP1   . DC  A 1 10 ? 15.418  7.793   7.687   1.00 20.68 ? 10 DC  A OP1   1 
ATOM   188 O OP2   . DC  A 1 10 ? 14.238  5.593   8.099   1.00 20.39 ? 10 DC  A OP2   1 
ATOM   189 O "O5'" . DC  A 1 10 ? 13.152  7.927   8.179   1.00 19.88 ? 10 DC  A "O5'" 1 
ATOM   190 C "C5'" . DC  A 1 10 ? 13.143  9.282   7.749   1.00 19.42 ? 10 DC  A "C5'" 1 
ATOM   191 C "C4'" . DC  A 1 10 ? 11.990  9.988   8.512   1.00 18.75 ? 10 DC  A "C4'" 1 
ATOM   192 O "O4'" . DC  A 1 10 ? 10.861  9.286   7.880   1.00 19.06 ? 10 DC  A "O4'" 1 
ATOM   193 C "C3'" . DC  A 1 10 ? 11.784  9.758   10.009  1.00 18.22 ? 10 DC  A "C3'" 1 
ATOM   194 O "O3'" . DC  A 1 10 ? 12.334  10.755  10.798  1.00 18.29 ? 10 DC  A "O3'" 1 
ATOM   195 C "C2'" . DC  A 1 10 ? 10.282  9.830   10.161  1.00 18.45 ? 10 DC  A "C2'" 1 
ATOM   196 C "C1'" . DC  A 1 10 ? 9.752   9.301   8.797   1.00 18.80 ? 10 DC  A "C1'" 1 
ATOM   197 N N1    . DC  A 1 10 ? 9.297   7.882   8.996   1.00 18.74 ? 10 DC  A N1    1 
ATOM   198 C C2    . DC  A 1 10 ? 8.076   7.720   9.545   1.00 18.72 ? 10 DC  A C2    1 
ATOM   199 O O2    . DC  A 1 10 ? 7.314   8.624   9.841   1.00 18.95 ? 10 DC  A O2    1 
ATOM   200 N N3    . DC  A 1 10 ? 7.686   6.420   9.732   1.00 18.88 ? 10 DC  A N3    1 
ATOM   201 C C4    . DC  A 1 10 ? 8.464   5.310   9.429   1.00 18.89 ? 10 DC  A C4    1 
ATOM   202 N N4    . DC  A 1 10 ? 7.932   4.071   9.692   1.00 19.13 ? 10 DC  A N4    1 
ATOM   203 C C5    . DC  A 1 10 ? 9.744   5.534   8.883   1.00 18.45 ? 10 DC  A C5    1 
ATOM   204 C C6    . DC  A 1 10 ? 10.095  6.796   8.686   1.00 18.75 ? 10 DC  A C6    1 
ATOM   205 O "O5'" . DG  B 1 1  ? -1.760  3.213   13.935  1.00 36.85 ? 11 DG  B "O5'" 1 
ATOM   206 C "C5'" . DG  B 1 1  ? -2.058  3.661   12.554  1.00 35.29 ? 11 DG  B "C5'" 1 
ATOM   207 C "C4'" . DG  B 1 1  ? -1.854  5.201   12.597  1.00 34.53 ? 11 DG  B "C4'" 1 
ATOM   208 O "O4'" . DG  B 1 1  ? -0.748  5.439   13.493  1.00 34.13 ? 11 DG  B "O4'" 1 
ATOM   209 C "C3'" . DG  B 1 1  ? -1.496  5.929   11.274  1.00 33.89 ? 11 DG  B "C3'" 1 
ATOM   210 O "O3'" . DG  B 1 1  ? -2.626  6.416   10.608  1.00 33.10 ? 11 DG  B "O3'" 1 
ATOM   211 C "C2'" . DG  B 1 1  ? -0.593  7.060   11.752  1.00 33.56 ? 11 DG  B "C2'" 1 
ATOM   212 C "C1'" . DG  B 1 1  ? 0.220   6.313   12.840  1.00 33.19 ? 11 DG  B "C1'" 1 
ATOM   213 N N9    . DG  B 1 1  ? 1.302   5.513   12.420  1.00 32.63 ? 11 DG  B N9    1 
ATOM   214 C C8    . DG  B 1 1  ? 1.408   4.195   12.574  1.00 32.31 ? 11 DG  B C8    1 
ATOM   215 N N7    . DG  B 1 1  ? 2.563   3.691   12.161  1.00 32.29 ? 11 DG  B N7    1 
ATOM   216 C C5    . DG  B 1 1  ? 3.225   4.793   11.707  1.00 32.22 ? 11 DG  B C5    1 
ATOM   217 C C6    . DG  B 1 1  ? 4.513   4.929   11.106  1.00 31.95 ? 11 DG  B C6    1 
ATOM   218 O O6    . DG  B 1 1  ? 5.282   3.950   10.922  1.00 31.78 ? 11 DG  B O6    1 
ATOM   219 N N1    . DG  B 1 1  ? 4.908   6.151   10.742  1.00 31.85 ? 11 DG  B N1    1 
ATOM   220 C C2    . DG  B 1 1  ? 4.086   7.203   10.957  1.00 31.90 ? 11 DG  B C2    1 
ATOM   221 N N2    . DG  B 1 1  ? 4.435   8.340   10.654  1.00 31.32 ? 11 DG  B N2    1 
ATOM   222 N N3    . DG  B 1 1  ? 2.855   7.199   11.490  1.00 32.18 ? 11 DG  B N3    1 
ATOM   223 C C4    . DG  B 1 1  ? 2.500   5.942   11.848  1.00 32.17 ? 11 DG  B C4    1 
ATOM   224 P P     . DC  B 1 2  ? -2.764  6.432   9.049   1.00 32.78 ? 12 DC  B P     1 
ATOM   225 O OP1   . DC  B 1 2  ? -3.962  7.113   8.730   1.00 33.11 ? 12 DC  B OP1   1 
ATOM   226 O OP2   . DC  B 1 2  ? -2.568  5.026   8.628   1.00 33.24 ? 12 DC  B OP2   1 
ATOM   227 O "O5'" . DC  B 1 2  ? -1.696  7.440   8.319   1.00 31.29 ? 12 DC  B "O5'" 1 
ATOM   228 C "C5'" . DC  B 1 2  ? -1.910  8.806   8.348   1.00 28.57 ? 12 DC  B "C5'" 1 
ATOM   229 C "C4'" . DC  B 1 2  ? -0.583  9.422   7.977   1.00 26.94 ? 12 DC  B "C4'" 1 
ATOM   230 O "O4'" . DC  B 1 2  ? 0.457   8.968   8.875   1.00 26.26 ? 12 DC  B "O4'" 1 
ATOM   231 C "C3'" . DC  B 1 2  ? -0.037  9.045   6.578   1.00 26.37 ? 12 DC  B "C3'" 1 
ATOM   232 O "O3'" . DC  B 1 2  ? -0.764  9.698   5.609   1.00 25.77 ? 12 DC  B "O3'" 1 
ATOM   233 C "C2'" . DC  B 1 2  ? 1.416   9.528   6.718   1.00 25.78 ? 12 DC  B "C2'" 1 
ATOM   234 C "C1'" . DC  B 1 2  ? 1.688   8.962   8.143   1.00 25.48 ? 12 DC  B "C1'" 1 
ATOM   235 N N1    . DC  B 1 2  ? 2.201   7.556   8.027   1.00 24.95 ? 12 DC  B N1    1 
ATOM   236 C C2    . DC  B 1 2  ? 3.453   7.413   7.524   1.00 24.60 ? 12 DC  B C2    1 
ATOM   237 O O2    . DC  B 1 2  ? 4.171   8.328   7.170   1.00 24.61 ? 12 DC  B O2    1 
ATOM   238 N N3    . DC  B 1 2  ? 3.927   6.131   7.436   1.00 24.53 ? 12 DC  B N3    1 
ATOM   239 C C4    . DC  B 1 2  ? 3.222   5.011   7.809   1.00 24.62 ? 12 DC  B C4    1 
ATOM   240 N N4    . DC  B 1 2  ? 3.800   3.794   7.650   1.00 24.94 ? 12 DC  B N4    1 
ATOM   241 C C5    . DC  B 1 2  ? 1.920   5.203   8.335   1.00 24.82 ? 12 DC  B C5    1 
ATOM   242 C C6    . DC  B 1 2  ? 1.479   6.459   8.428   1.00 24.87 ? 12 DC  B C6    1 
ATOM   243 P P     . DG  B 1 3  ? -0.968  9.268   4.104   1.00 25.04 ? 13 DG  B P     1 
ATOM   244 O OP1   . DG  B 1 3  ? -1.563  10.440  3.569   1.00 25.73 ? 13 DG  B OP1   1 
ATOM   245 O OP2   . DG  B 1 3  ? -1.557  7.933   4.133   1.00 25.13 ? 13 DG  B OP2   1 
ATOM   246 O "O5'" . DG  B 1 3  ? 0.410   9.307   3.240   1.00 24.33 ? 13 DG  B "O5'" 1 
ATOM   247 C "C5'" . DG  B 1 3  ? 1.017   10.559  3.222   1.00 23.44 ? 13 DG  B "C5'" 1 
ATOM   248 C "C4'" . DG  B 1 3  ? 2.422   10.238  2.714   1.00 22.78 ? 13 DG  B "C4'" 1 
ATOM   249 O "O4'" . DG  B 1 3  ? 3.121   9.531   3.765   1.00 22.03 ? 13 DG  B "O4'" 1 
ATOM   250 C "C3'" . DG  B 1 3  ? 2.504   9.256   1.521   1.00 22.91 ? 13 DG  B "C3'" 1 
ATOM   251 O "O3'" . DG  B 1 3  ? 2.140   9.894   0.320   1.00 23.98 ? 13 DG  B "O3'" 1 
ATOM   252 C "C2'" . DG  B 1 3  ? 3.947   8.820   1.599   1.00 22.05 ? 13 DG  B "C2'" 1 
ATOM   253 C "C1'" . DG  B 1 3  ? 4.123   8.751   3.147   1.00 20.76 ? 13 DG  B "C1'" 1 
ATOM   254 N N9    . DG  B 1 3  ? 3.913   7.411   3.516   1.00 19.87 ? 13 DG  B N9    1 
ATOM   255 C C8    . DG  B 1 3  ? 2.880   6.882   4.147   1.00 19.41 ? 13 DG  B C8    1 
ATOM   256 N N7    . DG  B 1 3  ? 2.987   5.572   4.303   1.00 19.57 ? 13 DG  B N7    1 
ATOM   257 C C5    . DG  B 1 3  ? 4.198   5.265   3.745   1.00 19.41 ? 13 DG  B C5    1 
ATOM   258 C C6    . DG  B 1 3  ? 4.920   4.037   3.633   1.00 19.16 ? 13 DG  B C6    1 
ATOM   259 O O6    . DG  B 1 3  ? 4.492   2.937   4.074   1.00 18.97 ? 13 DG  B O6    1 
ATOM   260 N N1    . DG  B 1 3  ? 6.105   4.081   3.010   1.00 19.07 ? 13 DG  B N1    1 
ATOM   261 C C2    . DG  B 1 3  ? 6.572   5.245   2.524   1.00 18.90 ? 13 DG  B C2    1 
ATOM   262 N N2    . DG  B 1 3  ? 7.645   5.344   1.933   1.00 18.47 ? 13 DG  B N2    1 
ATOM   263 N N3    . DG  B 1 3  ? 5.993   6.444   2.571   1.00 19.22 ? 13 DG  B N3    1 
ATOM   264 C C4    . DG  B 1 3  ? 4.803   6.373   3.219   1.00 19.38 ? 13 DG  B C4    1 
ATOM   265 P P     . DT  B 1 4  ? 1.682   9.137   -0.978  1.00 24.42 ? 14 DT  B P     1 
ATOM   266 O OP1   . DT  B 1 4  ? 1.544   10.111  -1.988  1.00 25.06 ? 14 DT  B OP1   1 
ATOM   267 O OP2   . DT  B 1 4  ? 0.555   8.266   -0.603  1.00 24.90 ? 14 DT  B OP2   1 
ATOM   268 O "O5'" . DT  B 1 4  ? 2.943   8.278   -1.594  1.00 24.73 ? 14 DT  B "O5'" 1 
ATOM   269 C "C5'" . DT  B 1 4  ? 4.032   9.027   -2.100  1.00 24.08 ? 14 DT  B "C5'" 1 
ATOM   270 C "C4'" . DT  B 1 4  ? 5.117   8.064   -2.537  1.00 23.57 ? 14 DT  B "C4'" 1 
ATOM   271 O "O4'" . DT  B 1 4  ? 5.570   7.408   -1.349  1.00 23.49 ? 14 DT  B "O4'" 1 
ATOM   272 C "C3'" . DT  B 1 4  ? 4.704   6.837   -3.379  1.00 24.05 ? 14 DT  B "C3'" 1 
ATOM   273 O "O3'" . DT  B 1 4  ? 4.432   7.200   -4.666  1.00 25.07 ? 14 DT  B "O3'" 1 
ATOM   274 C "C2'" . DT  B 1 4  ? 5.906   5.926   -3.183  1.00 23.41 ? 14 DT  B "C2'" 1 
ATOM   275 C "C1'" . DT  B 1 4  ? 6.045   6.063   -1.642  1.00 22.80 ? 14 DT  B "C1'" 1 
ATOM   276 N N1    . DT  B 1 4  ? 5.207   5.091   -0.852  1.00 22.49 ? 14 DT  B N1    1 
ATOM   277 C C2    . DT  B 1 4  ? 5.721   3.826   -0.692  1.00 21.90 ? 14 DT  B C2    1 
ATOM   278 O O2    . DT  B 1 4  ? 6.762   3.448   -1.154  1.00 21.69 ? 14 DT  B O2    1 
ATOM   279 N N3    . DT  B 1 4  ? 4.946   2.959   0.018   1.00 21.85 ? 14 DT  B N3    1 
ATOM   280 C C4    . DT  B 1 4  ? 3.712   3.255   0.586   1.00 21.81 ? 14 DT  B C4    1 
ATOM   281 O O4    . DT  B 1 4  ? 3.139   2.326   1.203   1.00 21.86 ? 14 DT  B O4    1 
ATOM   282 C C5    . DT  B 1 4  ? 3.229   4.573   0.411   1.00 21.79 ? 14 DT  B C5    1 
ATOM   283 C C7    . DT  B 1 4  ? 1.908   5.027   0.970   1.00 21.67 ? 14 DT  B C7    1 
ATOM   284 C C6    . DT  B 1 4  ? 3.982   5.424   -0.283  1.00 21.98 ? 14 DT  B C6    1 
HETATM 285 P P     . A2M B 1 5  ? 3.466   6.435   -5.617  1.00 25.97 ? 15 A2M B P     1 
HETATM 286 O OP3   . A2M B 1 5  ? 3.464   7.203   -6.828  1.00 26.24 ? 15 A2M B OP3   1 
HETATM 287 O "O5'" . A2M B 1 5  ? 4.141   5.073   -6.197  1.00 25.88 ? 15 A2M B "O5'" 1 
HETATM 288 C "C5'" . A2M B 1 5  ? 5.463   5.137   -6.630  1.00 25.41 ? 15 A2M B "C5'" 1 
HETATM 289 C "C4'" . A2M B 1 5  ? 5.986   3.691   -6.670  1.00 24.79 ? 15 A2M B "C4'" 1 
HETATM 290 O "O4'" . A2M B 1 5  ? 6.225   3.291   -5.299  1.00 24.17 ? 15 A2M B "O4'" 1 
HETATM 291 C "C3'" . A2M B 1 5  ? 4.963   2.633   -7.122  1.00 25.36 ? 15 A2M B "C3'" 1 
HETATM 292 O "O3'" . A2M B 1 5  ? 4.760   2.651   -8.491  1.00 26.50 ? 15 A2M B "O3'" 1 
HETATM 293 C "C2'" . A2M B 1 5  ? 5.575   1.364   -6.532  1.00 24.72 ? 15 A2M B "C2'" 1 
HETATM 294 O "O2'" . A2M B 1 5  ? 6.766   1.023   -7.195  1.00 25.23 ? 15 A2M B "O2'" 1 
HETATM 295 C "C1'" . A2M B 1 5  ? 5.968   1.916   -5.145  1.00 23.51 ? 15 A2M B "C1'" 1 
HETATM 296 C "CM'" . A2M B 1 5  ? 7.438   -0.090  -6.591  1.00 25.91 ? 15 A2M B "CM'" 1 
HETATM 297 N N9    . A2M B 1 5  ? 4.916   1.722   -4.208  1.00 22.77 ? 15 A2M B N9    1 
HETATM 298 C C8    . A2M B 1 5  ? 4.007   2.565   -3.743  1.00 22.04 ? 15 A2M B C8    1 
HETATM 299 N N7    . A2M B 1 5  ? 3.237   2.041   -2.826  1.00 22.02 ? 15 A2M B N7    1 
HETATM 300 C C5    . A2M B 1 5  ? 3.691   0.763   -2.702  1.00 22.15 ? 15 A2M B C5    1 
HETATM 301 C C6    . A2M B 1 5  ? 3.282   -0.331  -1.887  1.00 22.05 ? 15 A2M B C6    1 
HETATM 302 N N6    . A2M B 1 5  ? 2.245   -0.261  -1.007  1.00 22.06 ? 15 A2M B N6    1 
HETATM 303 N N1    . A2M B 1 5  ? 3.945   -1.487  -2.018  1.00 21.94 ? 15 A2M B N1    1 
HETATM 304 C C2    . A2M B 1 5  ? 4.970   -1.579  -2.866  1.00 21.90 ? 15 A2M B C2    1 
HETATM 305 N N3    . A2M B 1 5  ? 5.450   -0.629  -3.674  1.00 22.43 ? 15 A2M B N3    1 
HETATM 306 C C4    . A2M B 1 5  ? 4.734   0.518   -3.538  1.00 22.24 ? 15 A2M B C4    1 
HETATM 307 O OP2   . A2M B 1 5  ? 2.220   6.110   -4.888  1.00 26.15 ? 15 A2M B OP2   1 
ATOM   308 P P     . DT  B 1 6  ? 3.418   2.156   -9.178  1.00 27.44 ? 16 DT  B P     1 
ATOM   309 O OP1   . DT  B 1 6  ? 3.683   2.334   -10.547 1.00 28.03 ? 16 DT  B OP1   1 
ATOM   310 O OP2   . DT  B 1 6  ? 2.291   2.845   -8.492  1.00 27.76 ? 16 DT  B OP2   1 
ATOM   311 O "O5'" . DT  B 1 6  ? 3.292   0.551   -9.175  1.00 27.14 ? 16 DT  B "O5'" 1 
ATOM   312 C "C5'" . DT  B 1 6  ? 4.511   -0.072  -9.502  1.00 27.12 ? 16 DT  B "C5'" 1 
ATOM   313 C "C4'" . DT  B 1 6  ? 4.306   -1.535  -9.135  1.00 27.48 ? 16 DT  B "C4'" 1 
ATOM   314 O "O4'" . DT  B 1 6  ? 4.544   -1.652  -7.697  1.00 27.47 ? 16 DT  B "O4'" 1 
ATOM   315 C "C3'" . DT  B 1 6  ? 2.896   -2.180  -9.307  1.00 27.92 ? 16 DT  B "C3'" 1 
ATOM   316 O "O3'" . DT  B 1 6  ? 2.656   -2.534  -10.638 1.00 29.14 ? 16 DT  B "O3'" 1 
ATOM   317 C "C2'" . DT  B 1 6  ? 3.038   -3.378  -8.362  1.00 27.14 ? 16 DT  B "C2'" 1 
ATOM   318 C "C1'" . DT  B 1 6  ? 3.740   -2.719  -7.174  1.00 26.21 ? 16 DT  B "C1'" 1 
ATOM   319 N N1    . DT  B 1 6  ? 2.773   -2.048  -6.219  1.00 25.54 ? 16 DT  B N1    1 
ATOM   320 C C2    . DT  B 1 6  ? 2.341   -2.859  -5.214  1.00 24.97 ? 16 DT  B C2    1 
ATOM   321 O O2    . DT  B 1 6  ? 2.664   -4.013  -5.063  1.00 25.24 ? 16 DT  B O2    1 
ATOM   322 N N3    . DT  B 1 6  ? 1.471   -2.302  -4.325  1.00 24.68 ? 16 DT  B N3    1 
ATOM   323 C C4    . DT  B 1 6  ? 1.023   -0.993  -4.392  1.00 24.76 ? 16 DT  B C4    1 
ATOM   324 O O4    . DT  B 1 6  ? 0.225   -0.657  -3.482  1.00 24.78 ? 16 DT  B O4    1 
ATOM   325 C C5    . DT  B 1 6  ? 1.492   -0.192  -5.460  1.00 24.98 ? 16 DT  B C5    1 
ATOM   326 C C7    . DT  B 1 6  ? 1.056   1.243   -5.628  1.00 24.72 ? 16 DT  B C7    1 
ATOM   327 C C6    . DT  B 1 6  ? 2.345   -0.742  -6.328  1.00 24.98 ? 16 DT  B C6    1 
ATOM   328 P P     . DA  B 1 7  ? 1.295   -2.875  -11.339 1.00 29.88 ? 17 DA  B P     1 
ATOM   329 O OP1   . DA  B 1 7  ? 1.600   -3.029  -12.778 1.00 30.49 ? 17 DA  B OP1   1 
ATOM   330 O OP2   . DA  B 1 7  ? 0.390   -1.848  -10.896 1.00 30.24 ? 17 DA  B OP2   1 
ATOM   331 O "O5'" . DA  B 1 7  ? 0.483   -4.138  -10.695 1.00 29.28 ? 17 DA  B "O5'" 1 
ATOM   332 C "C5'" . DA  B 1 7  ? 1.297   -5.259  -10.665 1.00 28.29 ? 17 DA  B "C5'" 1 
ATOM   333 C "C4'" . DA  B 1 7  ? 0.593   -6.414  -10.010 1.00 27.67 ? 17 DA  B "C4'" 1 
ATOM   334 O "O4'" . DA  B 1 7  ? 0.900   -6.389  -8.607  1.00 27.29 ? 17 DA  B "O4'" 1 
ATOM   335 C "C3'" . DA  B 1 7  ? -0.949  -6.479  -10.063 1.00 27.76 ? 17 DA  B "C3'" 1 
ATOM   336 O "O3'" . DA  B 1 7  ? -1.307  -7.040  -11.307 1.00 28.64 ? 17 DA  B "O3'" 1 
ATOM   337 C "C2'" . DA  B 1 7  ? -1.259  -7.382  -8.870  1.00 26.74 ? 17 DA  B "C2'" 1 
ATOM   338 C "C1'" . DA  B 1 7  ? -0.254  -6.861  -7.837  1.00 25.42 ? 17 DA  B "C1'" 1 
ATOM   339 N N9    . DA  B 1 7  ? -0.681  -5.687  -7.132  1.00 24.26 ? 17 DA  B N9    1 
ATOM   340 C C8    . DA  B 1 7  ? -0.552  -4.412  -7.503  1.00 23.38 ? 17 DA  B C8    1 
ATOM   341 N N7    . DA  B 1 7  ? -1.007  -3.557  -6.614  1.00 23.13 ? 17 DA  B N7    1 
ATOM   342 C C5    . DA  B 1 7  ? -1.455  -4.375  -5.610  1.00 23.06 ? 17 DA  B C5    1 
ATOM   343 C C6    . DA  B 1 7  ? -2.117  -4.079  -4.377  1.00 22.87 ? 17 DA  B C6    1 
ATOM   344 N N6    . DA  B 1 7  ? -2.384  -2.817  -3.960  1.00 22.14 ? 17 DA  B N6    1 
ATOM   345 N N1    . DA  B 1 7  ? -2.493  -5.126  -3.633  1.00 22.78 ? 17 DA  B N1    1 
ATOM   346 C C2    . DA  B 1 7  ? -2.228  -6.377  -4.036  1.00 22.47 ? 17 DA  B C2    1 
ATOM   347 N N3    . DA  B 1 7  ? -1.646  -6.773  -5.164  1.00 23.00 ? 17 DA  B N3    1 
ATOM   348 C C4    . DA  B 1 7  ? -1.292  -5.694  -5.894  1.00 23.06 ? 17 DA  B C4    1 
ATOM   349 P P     . DC  B 1 8  ? -2.692  -6.693  -11.980 1.00 29.41 ? 18 DC  B P     1 
ATOM   350 O OP1   . DC  B 1 8  ? -2.843  -7.680  -12.957 1.00 29.75 ? 18 DC  B OP1   1 
ATOM   351 O OP2   . DC  B 1 8  ? -2.749  -5.240  -12.250 1.00 29.50 ? 18 DC  B OP2   1 
ATOM   352 O "O5'" . DC  B 1 8  ? -3.952  -7.110  -10.962 1.00 28.79 ? 18 DC  B "O5'" 1 
ATOM   353 C "C5'" . DC  B 1 8  ? -3.835  -8.408  -10.435 1.00 27.28 ? 18 DC  B "C5'" 1 
ATOM   354 C "C4'" . DC  B 1 8  ? -4.772  -8.609  -9.268  1.00 26.16 ? 18 DC  B "C4'" 1 
ATOM   355 O "O4'" . DC  B 1 8  ? -4.055  -8.089  -8.111  1.00 25.53 ? 18 DC  B "O4'" 1 
ATOM   356 C "C3'" . DC  B 1 8  ? -6.133  -7.924  -9.167  1.00 26.00 ? 18 DC  B "C3'" 1 
ATOM   357 O "O3'" . DC  B 1 8  ? -7.143  -8.631  -9.786  1.00 26.60 ? 18 DC  B "O3'" 1 
ATOM   358 C "C2'" . DC  B 1 8  ? -6.348  -7.992  -7.648  1.00 25.16 ? 18 DC  B "C2'" 1 
ATOM   359 C "C1'" . DC  B 1 8  ? -4.924  -7.590  -7.164  1.00 24.10 ? 18 DC  B "C1'" 1 
ATOM   360 N N1    . DC  B 1 8  ? -4.841  -6.088  -7.023  1.00 23.25 ? 18 DC  B N1    1 
ATOM   361 C C2    . DC  B 1 8  ? -5.293  -5.650  -5.813  1.00 22.65 ? 18 DC  B C2    1 
ATOM   362 O O2    . DC  B 1 8  ? -5.732  -6.371  -4.933  1.00 22.69 ? 18 DC  B O2    1 
ATOM   363 N N3    . DC  B 1 8  ? -5.253  -4.291  -5.596  1.00 22.51 ? 18 DC  B N3    1 
ATOM   364 C C4    . DC  B 1 8  ? -4.797  -3.364  -6.521  1.00 22.38 ? 18 DC  B C4    1 
ATOM   365 N N4    . DC  B 1 8  ? -4.843  -2.051  -6.130  1.00 22.36 ? 18 DC  B N4    1 
ATOM   366 C C5    . DC  B 1 8  ? -4.338  -3.871  -7.759  1.00 22.48 ? 18 DC  B C5    1 
ATOM   367 C C6    . DC  B 1 8  ? -4.362  -5.185  -7.961  1.00 22.75 ? 18 DC  B C6    1 
ATOM   368 P P     . DG  B 1 9  ? -8.589  -8.179  -10.188 1.00 27.31 ? 19 DG  B P     1 
ATOM   369 O OP1   . DG  B 1 9  ? -9.091  -9.335  -10.963 1.00 27.77 ? 19 DG  B OP1   1 
ATOM   370 O OP2   . DG  B 1 9  ? -8.510  -6.852  -10.737 1.00 26.65 ? 19 DG  B OP2   1 
ATOM   371 O "O5'" . DG  B 1 9  ? -9.564  -7.779  -8.927  1.00 25.36 ? 19 DG  B "O5'" 1 
ATOM   372 C "C5'" . DG  B 1 9  ? -9.991  -8.836  -8.138  1.00 22.75 ? 19 DG  B "C5'" 1 
ATOM   373 C "C4'" . DG  B 1 9  ? -10.500 -8.285  -6.814  1.00 21.00 ? 19 DG  B "C4'" 1 
ATOM   374 O "O4'" . DG  B 1 9  ? -9.495  -7.562  -6.081  1.00 19.78 ? 19 DG  B "O4'" 1 
ATOM   375 C "C3'" . DG  B 1 9  ? -11.695 -7.303  -6.819  1.00 20.57 ? 19 DG  B "C3'" 1 
ATOM   376 O "O3'" . DG  B 1 9  ? -12.876 -8.080  -6.993  1.00 21.03 ? 19 DG  B "O3'" 1 
ATOM   377 C "C2'" . DG  B 1 9  ? -11.597 -6.710  -5.430  1.00 19.05 ? 19 DG  B "C2'" 1 
ATOM   378 C "C1'" . DG  B 1 9  ? -10.111 -6.553  -5.290  1.00 18.05 ? 19 DG  B "C1'" 1 
ATOM   379 N N9    . DG  B 1 9  ? -9.564  -5.327  -5.762  1.00 17.20 ? 19 DG  B N9    1 
ATOM   380 C C8    . DG  B 1 9  ? -8.815  -5.045  -6.834  1.00 16.50 ? 19 DG  B C8    1 
ATOM   381 N N7    . DG  B 1 9  ? -8.436  -3.772  -6.912  1.00 16.23 ? 19 DG  B N7    1 
ATOM   382 C C5    . DG  B 1 9  ? -9.006  -3.208  -5.807  1.00 16.36 ? 19 DG  B C5    1 
ATOM   383 C C6    . DG  B 1 9  ? -8.981  -1.896  -5.283  1.00 16.30 ? 19 DG  B C6    1 
ATOM   384 O O6    . DG  B 1 9  ? -8.361  -0.923  -5.802  1.00 16.62 ? 19 DG  B O6    1 
ATOM   385 N N1    . DG  B 1 9  ? -9.669  -1.666  -4.155  1.00 16.42 ? 19 DG  B N1    1 
ATOM   386 C C2    . DG  B 1 9  ? -10.306 -2.666  -3.541  1.00 15.98 ? 19 DG  B C2    1 
ATOM   387 N N2    . DG  B 1 9  ? -10.928 -2.501  -2.487  1.00 16.16 ? 19 DG  B N2    1 
ATOM   388 N N3    . DG  B 1 9  ? -10.378 -3.929  -3.911  1.00 16.31 ? 19 DG  B N3    1 
ATOM   389 C C4    . DG  B 1 9  ? -9.707  -4.124  -5.064  1.00 16.56 ? 19 DG  B C4    1 
ATOM   390 P P     . DC  B 1 10 ? -14.207 -7.379  -7.522  1.00 21.14 ? 20 DC  B P     1 
ATOM   391 O OP1   . DC  B 1 10 ? -15.147 -8.478  -7.647  1.00 21.57 ? 20 DC  B OP1   1 
ATOM   392 O OP2   . DC  B 1 10 ? -13.775 -6.498  -8.526  1.00 21.12 ? 20 DC  B OP2   1 
ATOM   393 O "O5'" . DC  B 1 10 ? -14.685 -6.297  -6.387  1.00 20.78 ? 20 DC  B "O5'" 1 
ATOM   394 C "C5'" . DC  B 1 10 ? -15.014 -6.887  -5.125  1.00 19.71 ? 20 DC  B "C5'" 1 
ATOM   395 C "C4'" . DC  B 1 10 ? -15.497 -5.650  -4.355  1.00 19.22 ? 20 DC  B "C4'" 1 
ATOM   396 O "O4'" . DC  B 1 10 ? -14.368 -4.839  -4.091  1.00 19.05 ? 20 DC  B "O4'" 1 
ATOM   397 C "C3'" . DC  B 1 10 ? -16.389 -4.674  -5.185  1.00 19.23 ? 20 DC  B "C3'" 1 
ATOM   398 O "O3'" . DC  B 1 10 ? -17.689 -5.153  -5.003  1.00 20.23 ? 20 DC  B "O3'" 1 
ATOM   399 C "C2'" . DC  B 1 10 ? -16.138 -3.329  -4.612  1.00 18.66 ? 20 DC  B "C2'" 1 
ATOM   400 C "C1'" . DC  B 1 10 ? -14.710 -3.470  -4.056  1.00 18.01 ? 20 DC  B "C1'" 1 
ATOM   401 N N1    . DC  B 1 10 ? -13.774 -2.766  -5.001  1.00 17.42 ? 20 DC  B N1    1 
ATOM   402 C C2    . DC  B 1 10 ? -13.517 -1.477  -4.655  1.00 17.27 ? 20 DC  B C2    1 
ATOM   403 O O2    . DC  B 1 10 ? -13.993 -0.907  -3.686  1.00 17.47 ? 20 DC  B O2    1 
ATOM   404 N N3    . DC  B 1 10 ? -12.669 -0.789  -5.486  1.00 17.17 ? 20 DC  B N3    1 
ATOM   405 C C4    . DC  B 1 10 ? -12.089 -1.360  -6.607  1.00 17.23 ? 20 DC  B C4    1 
ATOM   406 N N4    . DC  B 1 10 ? -11.280 -0.542  -7.339  1.00 17.74 ? 20 DC  B N4    1 
ATOM   407 C C5    . DC  B 1 10 ? -12.379 -2.711  -6.917  1.00 16.78 ? 20 DC  B C5    1 
ATOM   408 C C6    . DC  B 1 10 ? -13.208 -3.347  -6.105  1.00 17.00 ? 20 DC  B C6    1 
HETATM 409 O O     . HOH C 2 .  ? -14.493 4.112   -0.502  1.00 35.07 ? 21 HOH A O     1 
HETATM 410 O O     . HOH C 2 .  ? -4.074  0.854   -3.577  1.00 41.31 ? 22 HOH A O     1 
HETATM 411 O O     . HOH C 2 .  ? 15.424  10.385  10.673  1.00 25.24 ? 23 HOH A O     1 
HETATM 412 O O     . HOH C 2 .  ? 8.545   9.576   4.824   1.00 50.85 ? 24 HOH A O     1 
HETATM 413 O O     . HOH C 2 .  ? -12.961 -1.398  2.157   1.00 36.63 ? 28 HOH A O     1 
HETATM 414 O O     . HOH C 2 .  ? -1.362  -2.849  3.260   1.00 42.91 ? 30 HOH A O     1 
HETATM 415 O O     . HOH C 2 .  ? 11.156  -0.107  6.332   1.00 39.55 ? 32 HOH A O     1 
HETATM 416 O O     . HOH C 2 .  ? 16.526  3.730   8.497   1.00 49.52 ? 33 HOH A O     1 
HETATM 417 O O     . HOH C 2 .  ? -4.286  -0.515  4.379   1.00 36.36 ? 36 HOH A O     1 
HETATM 418 O O     . HOH C 2 .  ? 10.368  2.053   9.324   1.00 45.99 ? 39 HOH A O     1 
HETATM 419 O O     . HOH C 2 .  ? 4.940   -3.343  4.407   1.00 28.49 ? 41 HOH A O     1 
HETATM 420 O O     . HOH C 2 .  ? 7.041   -1.186  6.895   1.00 66.89 ? 42 HOH A O     1 
HETATM 421 O O     . HOH C 2 .  ? -9.240  2.434   -9.551  1.00 61.59 ? 46 HOH A O     1 
HETATM 422 O O     . HOH C 2 .  ? 8.534   -4.311  5.254   1.00 35.44 ? 48 HOH A O     1 
HETATM 423 O O     . HOH C 2 .  ? 16.689  -3.928  4.577   1.00 39.88 ? 49 HOH A O     1 
HETATM 424 O O     . HOH C 2 .  ? 15.471  -5.260  1.239   1.00 55.87 ? 50 HOH A O     1 
HETATM 425 O O     . HOH C 2 .  ? 4.119   -5.802  5.287   1.00 39.15 ? 52 HOH A O     1 
HETATM 426 O O     . HOH C 2 .  ? 12.792  3.326   8.396   1.00 31.20 ? 58 HOH A O     1 
HETATM 427 O O     . HOH C 2 .  ? 5.369   -13.145 1.698   1.00 51.43 ? 59 HOH A O     1 
HETATM 428 O O     . HOH C 2 .  ? 10.123  -10.114 2.028   1.00 44.09 ? 66 HOH A O     1 
HETATM 429 O O     . HOH C 2 .  ? 7.068   -12.028 4.458   1.00 52.95 ? 67 HOH A O     1 
HETATM 430 O O     . HOH C 2 .  ? 8.227   -5.141  7.804   1.00 66.17 ? 68 HOH A O     1 
HETATM 431 O O     . HOH C 2 .  ? -13.852 -0.357  0.121   1.00 35.00 ? 69 HOH A O     1 
HETATM 432 O O     . HOH C 2 .  ? 11.327  -7.014  6.030   1.00 45.28 ? 71 HOH A O     1 
HETATM 433 O O     . HOH C 2 .  ? 14.479  13.089  8.280   1.00 40.50 ? 72 HOH A O     1 
HETATM 434 O O     . HOH C 2 .  ? -5.387  1.757   -0.342  1.00 31.05 ? 73 HOH A O     1 
HETATM 435 O O     . HOH D 2 .  ? -13.412 -6.845  -11.433 1.00 35.68 ? 25 HOH B O     1 
HETATM 436 O O     . HOH D 2 .  ? 0.732   6.167   -2.767  1.00 31.13 ? 26 HOH B O     1 
HETATM 437 O O     . HOH D 2 .  ? -1.323  -0.961  -7.320  1.00 28.67 ? 27 HOH B O     1 
HETATM 438 O O     . HOH D 2 .  ? 8.110   2.086   -9.792  1.00 42.35 ? 29 HOH B O     1 
HETATM 439 O O     . HOH D 2 .  ? 0.960   3.375   -2.326  1.00 31.40 ? 31 HOH B O     1 
HETATM 440 O O     . HOH D 2 .  ? -2.667  10.993  0.332   1.00 46.58 ? 34 HOH B O     1 
HETATM 441 O O     . HOH D 2 .  ? -15.844 -0.531  -1.764  1.00 30.88 ? 35 HOH B O     1 
HETATM 442 O O     . HOH D 2 .  ? 5.904   8.717   -8.352  1.00 60.85 ? 37 HOH B O     1 
HETATM 443 O O     . HOH D 2 .  ? -11.709 -11.751 -9.254  1.00 50.93 ? 38 HOH B O     1 
HETATM 444 O O     . HOH D 2 .  ? 0.320   0.622   -8.959  1.00 39.96 ? 40 HOH B O     1 
HETATM 445 O O     . HOH D 2 .  ? -17.202 -8.592  -9.755  1.00 32.60 ? 43 HOH B O     1 
HETATM 446 O O     . HOH D 2 .  ? -1.768  4.864   5.467   1.00 49.39 ? 44 HOH B O     1 
HETATM 447 O O     . HOH D 2 .  ? 0.240   1.507   0.940   1.00 46.58 ? 45 HOH B O     1 
HETATM 448 O O     . HOH D 2 .  ? -3.933  11.860  5.137   1.00 45.16 ? 47 HOH B O     1 
HETATM 449 O O     . HOH D 2 .  ? -4.116  8.525   0.096   1.00 57.80 ? 51 HOH B O     1 
HETATM 450 O O     . HOH D 2 .  ? -8.687  -9.969  -13.974 1.00 63.62 ? 53 HOH B O     1 
HETATM 451 O O     . HOH D 2 .  ? -5.966  -12.030 -11.822 1.00 52.51 ? 54 HOH B O     1 
HETATM 452 O O     . HOH D 2 .  ? -3.958  4.390   3.561   1.00 62.00 ? 55 HOH B O     1 
HETATM 453 O O     . HOH D 2 .  ? 3.556   -1.072  -16.088 1.00 55.04 ? 56 HOH B O     1 
HETATM 454 O O     . HOH D 2 .  ? 8.255   7.796   -1.568  1.00 39.43 ? 57 HOH B O     1 
HETATM 455 O O     . HOH D 2 .  ? -7.442  -1.821  -9.590  1.00 51.01 ? 60 HOH B O     1 
HETATM 456 O O     . HOH D 2 .  ? -6.399  0.242   -7.532  1.00 39.19 ? 61 HOH B O     1 
HETATM 457 O O     . HOH D 2 .  ? -1.020  1.522   -2.449  1.00 51.47 ? 62 HOH B O     1 
HETATM 458 O O     . HOH D 2 .  ? 0.737   -8.612  -4.624  1.00 52.40 ? 63 HOH B O     1 
HETATM 459 O O     . HOH D 2 .  ? -4.846  8.506   13.280  1.00 67.11 ? 64 HOH B O     1 
HETATM 460 O O     . HOH D 2 .  ? 1.949   1.303   9.933   1.00 56.19 ? 65 HOH B O     1 
HETATM 461 O O     . HOH D 2 .  ? 0.834   3.958   4.676   1.00 45.34 ? 70 HOH B O     1 
# 
